data_5I7W
#
_entry.id   5I7W
#
_cell.length_a   60.020
_cell.length_b   71.860
_cell.length_c   201.600
_cell.angle_alpha   90.000
_cell.angle_beta   90.000
_cell.angle_gamma   90.000
#
_symmetry.space_group_name_H-M   'P 21 21 21'
#
loop_
_entity.id
_entity.type
_entity.pdbx_description
1 polymer 'Cysteine synthase A'
2 non-polymer 'MALONATE ION'
3 water water
#
_entity_poly.entity_id   1
_entity_poly.type   'polypeptide(L)'
_entity_poly.pdbx_seq_one_letter_code
;MAHHHHHHMGTLEAQTQGPGSMFNSVLDTIGNTPLIRLSKASELTGCDIYGKAEFLNPGQSV(LLP)DRAALYIIRDAEK
RGLLRPGGVIVEGTAGNTGIGLTMVAKALGYRTAIVIPETQSQEKKDALRLLGAELIEVPAAPYRNPNNYVRLSGRLAEQ
LAKTEPNGAIWANQFDNTVNRQAHIETTAQEIWRDTNDQIDGFVAAVGSGGTLAGTAIGLKERNHNIKIALADPHGAALH
AFYTTGELKAEGDSITEGIGQGRITANLEGFTPDFSYQIPDAEALDILFALVEEEGLCLGGSSGINIAGAIRLAKDLGPG
HTIVTVLCDYGNRYQSKLFNPAFLRGKSLPVPRWLEKKTEIDIPFEG
;
_entity_poly.pdbx_strand_id   A,B
#
loop_
_chem_comp.id
_chem_comp.type
_chem_comp.name
_chem_comp.formula
MLI non-polymer 'MALONATE ION' 'C3 H2 O4 -2'
#
# COMPACT_ATOMS: atom_id res chain seq x y z
N MET A 22 2.63 4.53 20.28
CA MET A 22 2.24 5.91 20.07
C MET A 22 1.01 6.01 19.16
N PHE A 23 0.58 4.87 18.62
CA PHE A 23 -0.54 4.80 17.70
C PHE A 23 -1.56 3.83 18.28
N ASN A 24 -2.74 4.35 18.66
CA ASN A 24 -3.77 3.52 19.28
C ASN A 24 -4.54 2.68 18.26
N SER A 25 -4.49 3.06 16.99
CA SER A 25 -5.22 2.33 15.95
C SER A 25 -4.65 2.75 14.60
N VAL A 26 -5.13 2.08 13.55
CA VAL A 26 -4.67 2.40 12.20
C VAL A 26 -5.05 3.83 11.83
N LEU A 27 -6.09 4.38 12.46
CA LEU A 27 -6.50 5.75 12.15
C LEU A 27 -5.38 6.74 12.42
N ASP A 28 -4.52 6.45 13.39
CA ASP A 28 -3.42 7.34 13.72
C ASP A 28 -2.33 7.35 12.65
N THR A 29 -2.37 6.45 11.67
CA THR A 29 -1.37 6.48 10.60
C THR A 29 -1.84 7.22 9.36
N ILE A 30 -3.08 7.74 9.36
CA ILE A 30 -3.56 8.55 8.26
C ILE A 30 -2.84 9.90 8.27
N GLY A 31 -2.38 10.33 7.10
CA GLY A 31 -1.78 11.65 6.98
C GLY A 31 -0.33 11.65 7.42
N ASN A 32 0.24 12.86 7.51
CA ASN A 32 1.66 13.04 7.85
C ASN A 32 2.54 12.29 6.87
N THR A 33 2.18 12.37 5.63
CA THR A 33 2.86 11.65 4.57
C THR A 33 4.09 12.42 4.11
N PRO A 34 5.10 11.72 3.62
CA PRO A 34 6.35 12.39 3.24
C PRO A 34 6.29 13.02 1.85
N LEU A 35 7.10 14.05 1.68
CA LEU A 35 7.36 14.67 0.37
C LEU A 35 8.52 13.96 -0.29
N ILE A 36 8.31 13.41 -1.48
CA ILE A 36 9.34 12.71 -2.24
C ILE A 36 9.79 13.60 -3.38
N ARG A 37 11.08 13.85 -3.48
CA ARG A 37 11.61 14.64 -4.58
CA ARG A 37 11.59 14.65 -4.58
C ARG A 37 11.43 13.90 -5.90
N LEU A 38 10.97 14.61 -6.91
CA LEU A 38 10.78 14.06 -8.25
C LEU A 38 12.01 14.49 -9.03
N SER A 39 12.89 13.52 -9.31
CA SER A 39 14.24 13.84 -9.79
CA SER A 39 14.23 13.84 -9.78
C SER A 39 14.23 14.42 -11.20
N LYS A 40 13.62 13.69 -12.15
CA LYS A 40 13.69 14.12 -13.55
C LYS A 40 12.91 15.41 -13.78
N ALA A 41 11.78 15.58 -13.08
CA ALA A 41 11.02 16.80 -13.22
C ALA A 41 11.78 18.00 -12.67
N SER A 42 12.45 17.81 -11.52
CA SER A 42 13.25 18.88 -10.94
C SER A 42 14.41 19.26 -11.86
N GLU A 43 15.10 18.25 -12.41
CA GLU A 43 16.22 18.53 -13.29
C GLU A 43 15.77 19.26 -14.56
N LEU A 44 14.62 18.87 -15.09
CA LEU A 44 14.15 19.46 -16.36
C LEU A 44 13.80 20.94 -16.19
N THR A 45 13.34 21.35 -15.02
CA THR A 45 12.76 22.68 -14.82
C THR A 45 13.64 23.65 -14.04
N GLY A 46 14.77 23.20 -13.48
CA GLY A 46 15.51 24.08 -12.58
C GLY A 46 14.82 24.39 -11.26
N CYS A 47 13.81 23.60 -10.87
CA CYS A 47 13.07 23.81 -9.63
C CYS A 47 13.22 22.58 -8.74
N ASP A 48 12.84 22.74 -7.47
CA ASP A 48 12.65 21.62 -6.56
C ASP A 48 11.19 21.20 -6.61
N ILE A 49 10.89 20.08 -7.27
CA ILE A 49 9.53 19.58 -7.39
C ILE A 49 9.39 18.34 -6.52
N TYR A 50 8.32 18.30 -5.74
CA TYR A 50 8.05 17.24 -4.78
C TYR A 50 6.65 16.71 -4.96
N GLY A 51 6.48 15.40 -4.73
CA GLY A 51 5.18 14.79 -4.71
C GLY A 51 4.85 14.24 -3.34
N LYS A 52 3.67 14.61 -2.82
CA LYS A 52 3.26 14.15 -1.49
C LYS A 52 2.73 12.73 -1.60
N ALA A 53 3.35 11.81 -0.85
CA ALA A 53 3.13 10.38 -1.05
C ALA A 53 1.87 9.93 -0.31
N GLU A 54 0.72 10.37 -0.84
CA GLU A 54 -0.58 9.99 -0.27
C GLU A 54 -0.85 8.50 -0.41
N PHE A 55 -0.10 7.80 -1.26
CA PHE A 55 -0.25 6.36 -1.37
C PHE A 55 0.25 5.63 -0.14
N LEU A 56 0.98 6.29 0.74
CA LEU A 56 1.44 5.67 1.97
C LEU A 56 0.43 5.76 3.11
N ASN A 57 -0.76 6.33 2.87
CA ASN A 57 -1.87 6.21 3.83
C ASN A 57 -2.27 4.76 3.96
N PRO A 58 -2.86 4.37 5.10
CA PRO A 58 -3.18 2.94 5.28
C PRO A 58 -4.17 2.40 4.26
N GLY A 59 -5.16 3.19 3.85
CA GLY A 59 -6.05 2.78 2.79
C GLY A 59 -5.47 2.93 1.39
N GLN A 60 -4.24 3.42 1.29
CA GLN A 60 -3.43 3.47 0.07
C GLN A 60 -3.84 4.57 -0.90
N SER A 61 -4.55 5.61 -0.44
CA SER A 61 -4.87 6.73 -1.32
C SER A 61 -5.10 7.98 -0.49
N VAL A 62 -5.18 9.09 -1.21
CA VAL A 62 -5.44 10.40 -0.63
C VAL A 62 -6.79 10.47 0.09
N1 LLP A 63 -6.55 10.93 -7.49
C2 LLP A 63 -7.15 9.87 -6.95
C2' LLP A 63 -6.52 8.45 -7.16
C3 LLP A 63 -8.33 10.03 -6.20
O3 LLP A 63 -8.94 8.90 -5.66
C4 LLP A 63 -8.88 11.31 -6.02
C4' LLP A 63 -10.24 11.50 -5.19
C5 LLP A 63 -8.25 12.39 -6.57
C6 LLP A 63 -7.07 12.21 -7.31
C5' LLP A 63 -8.78 13.86 -6.45
OP4 LLP A 63 -8.95 14.26 -5.11
P LLP A 63 -10.15 15.17 -4.78
OP1 LLP A 63 -9.86 15.76 -3.39
OP2 LLP A 63 -10.29 16.27 -5.78
OP3 LLP A 63 -11.45 14.42 -4.76
N LLP A 63 -7.71 9.57 -0.24
CA LLP A 63 -9.11 9.65 0.26
CB LLP A 63 -10.00 8.71 -0.54
CG LLP A 63 -10.20 9.15 -2.00
CD LLP A 63 -10.83 10.55 -2.10
CE LLP A 63 -11.57 10.66 -3.45
NZ LLP A 63 -10.62 10.31 -4.50
C LLP A 63 -9.24 9.30 1.72
O LLP A 63 -10.28 9.53 2.29
N ASP A 64 -8.20 8.72 2.33
CA ASP A 64 -8.25 8.44 3.79
C ASP A 64 -8.52 9.71 4.61
N ARG A 65 -8.06 10.86 4.11
CA ARG A 65 -8.18 12.10 4.87
CA ARG A 65 -8.18 12.10 4.87
C ARG A 65 -9.64 12.56 4.93
N ALA A 66 -10.30 12.68 3.77
CA ALA A 66 -11.72 13.05 3.78
C ALA A 66 -12.57 11.98 4.45
N ALA A 67 -12.21 10.71 4.29
CA ALA A 67 -12.99 9.65 4.90
C ALA A 67 -13.01 9.79 6.40
N LEU A 68 -11.86 10.08 7.01
CA LEU A 68 -11.80 10.25 8.45
C LEU A 68 -12.61 11.47 8.89
N TYR A 69 -12.41 12.60 8.21
CA TYR A 69 -13.08 13.84 8.61
C TYR A 69 -14.60 13.72 8.47
N ILE A 70 -15.07 13.08 7.40
CA ILE A 70 -16.52 12.94 7.18
C ILE A 70 -17.15 12.12 8.29
N ILE A 71 -16.51 11.01 8.67
CA ILE A 71 -17.09 10.14 9.69
C ILE A 71 -17.03 10.84 11.05
N ARG A 72 -15.91 11.50 11.36
CA ARG A 72 -15.82 12.24 12.62
C ARG A 72 -16.87 13.34 12.70
N ASP A 73 -17.17 13.99 11.57
CA ASP A 73 -18.17 15.06 11.59
C ASP A 73 -19.57 14.51 11.89
N ALA A 74 -19.93 13.41 11.24
CA ALA A 74 -21.22 12.78 11.50
C ALA A 74 -21.35 12.34 12.95
N GLU A 75 -20.25 11.84 13.53
CA GLU A 75 -20.24 11.49 14.95
C GLU A 75 -20.53 12.69 15.82
N LYS A 76 -19.76 13.77 15.62
CA LYS A 76 -19.85 14.94 16.48
C LYS A 76 -21.23 15.60 16.42
N ARG A 77 -21.98 15.40 15.33
CA ARG A 77 -23.31 15.96 15.19
C ARG A 77 -24.41 15.03 15.70
N GLY A 78 -24.05 13.86 16.23
CA GLY A 78 -25.06 12.93 16.71
C GLY A 78 -25.81 12.20 15.62
N LEU A 79 -25.30 12.22 14.38
CA LEU A 79 -25.95 11.54 13.26
C LEU A 79 -25.56 10.08 13.15
N LEU A 80 -24.48 9.67 13.80
CA LEU A 80 -24.03 8.28 13.84
C LEU A 80 -23.99 7.82 15.29
N ARG A 81 -24.56 6.66 15.54
CA ARG A 81 -24.49 5.97 16.82
C ARG A 81 -23.84 4.63 16.57
N PRO A 82 -23.25 4.01 17.61
CA PRO A 82 -22.54 2.74 17.41
C PRO A 82 -23.38 1.78 16.59
N GLY A 83 -22.75 1.18 15.58
CA GLY A 83 -23.46 0.28 14.69
C GLY A 83 -24.17 0.94 13.52
N GLY A 84 -24.12 2.27 13.41
CA GLY A 84 -24.76 2.95 12.29
C GLY A 84 -24.04 2.68 10.97
N VAL A 85 -24.66 3.10 9.86
CA VAL A 85 -24.13 2.82 8.53
C VAL A 85 -23.77 4.12 7.80
N ILE A 86 -22.64 4.08 7.08
CA ILE A 86 -22.20 5.17 6.21
C ILE A 86 -22.41 4.74 4.77
N VAL A 87 -23.17 5.54 4.03
CA VAL A 87 -23.53 5.26 2.65
C VAL A 87 -22.75 6.19 1.74
N GLU A 88 -22.19 5.67 0.65
CA GLU A 88 -21.41 6.51 -0.25
C GLU A 88 -21.43 5.97 -1.68
N GLY A 89 -21.51 6.89 -2.63
CA GLY A 89 -21.27 6.60 -4.03
C GLY A 89 -19.81 6.88 -4.32
N THR A 90 -19.03 5.85 -4.65
CA THR A 90 -17.59 6.02 -4.76
C THR A 90 -17.03 5.10 -5.84
N ALA A 91 -16.08 5.61 -6.60
CA ALA A 91 -15.37 4.78 -7.57
C ALA A 91 -14.39 3.81 -6.92
N GLY A 92 -14.20 3.88 -5.60
CA GLY A 92 -13.39 2.92 -4.92
C GLY A 92 -12.56 3.45 -3.77
N ASN A 93 -11.73 4.48 -4.02
CA ASN A 93 -10.78 4.92 -3.00
C ASN A 93 -11.49 5.45 -1.76
N THR A 94 -12.53 6.26 -1.96
CA THR A 94 -13.25 6.76 -0.80
C THR A 94 -13.98 5.64 -0.07
N GLY A 95 -14.51 4.68 -0.81
CA GLY A 95 -15.10 3.51 -0.16
C GLY A 95 -14.10 2.75 0.69
N ILE A 96 -12.89 2.56 0.17
CA ILE A 96 -11.87 1.86 0.96
C ILE A 96 -11.54 2.65 2.22
N GLY A 97 -11.32 3.97 2.08
CA GLY A 97 -11.01 4.77 3.25
C GLY A 97 -12.14 4.80 4.25
N LEU A 98 -13.38 4.92 3.78
CA LEU A 98 -14.54 4.95 4.66
C LEU A 98 -14.74 3.64 5.40
N THR A 99 -14.53 2.51 4.72
CA THR A 99 -14.81 1.23 5.36
C THR A 99 -13.75 0.92 6.41
N MET A 100 -12.48 1.29 6.11
CA MET A 100 -11.40 1.11 7.10
C MET A 100 -11.69 1.92 8.36
N VAL A 101 -12.01 3.20 8.21
CA VAL A 101 -12.32 4.02 9.37
C VAL A 101 -13.57 3.51 10.08
N ALA A 102 -14.60 3.13 9.31
CA ALA A 102 -15.84 2.66 9.91
C ALA A 102 -15.61 1.41 10.77
N LYS A 103 -14.88 0.42 10.25
CA LYS A 103 -14.66 -0.79 11.03
C LYS A 103 -13.89 -0.49 12.30
N ALA A 104 -12.88 0.40 12.23
CA ALA A 104 -12.10 0.72 13.41
C ALA A 104 -12.94 1.42 14.48
N LEU A 105 -13.97 2.15 14.07
CA LEU A 105 -14.77 2.96 15.00
C LEU A 105 -16.11 2.33 15.35
N GLY A 106 -16.48 1.21 14.74
CA GLY A 106 -17.68 0.50 15.11
C GLY A 106 -18.90 0.74 14.22
N TYR A 107 -18.70 1.23 13.00
CA TYR A 107 -19.75 1.48 12.04
C TYR A 107 -19.63 0.52 10.85
N ARG A 108 -20.61 0.60 9.96
CA ARG A 108 -20.71 -0.21 8.74
C ARG A 108 -20.73 0.72 7.53
N THR A 109 -20.54 0.14 6.33
CA THR A 109 -20.63 0.90 5.09
C THR A 109 -21.52 0.18 4.08
N ALA A 110 -22.25 0.97 3.31
CA ALA A 110 -23.00 0.53 2.13
C ALA A 110 -22.44 1.34 0.97
N ILE A 111 -21.81 0.67 0.02
CA ILE A 111 -20.99 1.32 -1.01
C ILE A 111 -21.63 1.10 -2.38
N VAL A 112 -21.95 2.18 -3.08
CA VAL A 112 -22.43 2.12 -4.45
C VAL A 112 -21.26 2.45 -5.37
N ILE A 113 -20.87 1.48 -6.21
CA ILE A 113 -19.69 1.62 -7.06
C ILE A 113 -20.10 1.30 -8.49
N PRO A 114 -19.60 2.01 -9.50
CA PRO A 114 -19.88 1.60 -10.88
C PRO A 114 -19.24 0.25 -11.17
N GLU A 115 -19.97 -0.60 -11.90
CA GLU A 115 -19.50 -1.95 -12.17
C GLU A 115 -18.23 -1.98 -13.02
N THR A 116 -17.86 -0.86 -13.65
CA THR A 116 -16.70 -0.75 -14.52
C THR A 116 -15.37 -0.62 -13.78
N GLN A 117 -15.38 -0.38 -12.47
CA GLN A 117 -14.15 -0.15 -11.75
C GLN A 117 -13.36 -1.45 -11.61
N SER A 118 -12.07 -1.31 -11.32
CA SER A 118 -11.17 -2.47 -11.38
C SER A 118 -11.59 -3.51 -10.36
N GLN A 119 -11.38 -4.79 -10.73
CA GLN A 119 -11.68 -5.88 -9.82
C GLN A 119 -10.89 -5.75 -8.53
N GLU A 120 -9.62 -5.33 -8.64
CA GLU A 120 -8.79 -5.14 -7.46
C GLU A 120 -9.45 -4.21 -6.45
N LYS A 121 -10.10 -3.13 -6.93
CA LYS A 121 -10.79 -2.21 -6.05
C LYS A 121 -12.01 -2.85 -5.39
N LYS A 122 -12.81 -3.59 -6.15
CA LYS A 122 -14.00 -4.21 -5.60
C LYS A 122 -13.66 -5.26 -4.56
N ASP A 123 -12.60 -6.05 -4.84
CA ASP A 123 -12.15 -7.05 -3.88
C ASP A 123 -11.66 -6.41 -2.58
N ALA A 124 -10.93 -5.31 -2.69
CA ALA A 124 -10.46 -4.65 -1.47
C ALA A 124 -11.64 -4.20 -0.62
N LEU A 125 -12.70 -3.72 -1.27
CA LEU A 125 -13.88 -3.27 -0.53
C LEU A 125 -14.60 -4.41 0.15
N ARG A 126 -14.79 -5.53 -0.55
CA ARG A 126 -15.46 -6.65 0.08
C ARG A 126 -14.59 -7.30 1.14
N LEU A 127 -13.27 -7.32 0.94
CA LEU A 127 -12.39 -7.86 1.97
C LEU A 127 -12.46 -7.04 3.24
N LEU A 128 -12.57 -5.72 3.13
CA LEU A 128 -12.68 -4.87 4.32
C LEU A 128 -14.05 -4.93 4.98
N GLY A 129 -15.06 -5.51 4.33
CA GLY A 129 -16.37 -5.64 4.91
C GLY A 129 -17.42 -4.65 4.44
N ALA A 130 -17.22 -3.99 3.32
CA ALA A 130 -18.26 -3.11 2.79
C ALA A 130 -19.40 -3.93 2.22
N GLU A 131 -20.62 -3.42 2.35
CA GLU A 131 -21.73 -3.94 1.56
C GLU A 131 -21.68 -3.25 0.21
N LEU A 132 -21.46 -4.03 -0.85
CA LEU A 132 -21.13 -3.48 -2.15
C LEU A 132 -22.34 -3.56 -3.07
N ILE A 133 -22.67 -2.43 -3.68
CA ILE A 133 -23.77 -2.33 -4.64
C ILE A 133 -23.18 -1.81 -5.94
N GLU A 134 -23.11 -2.67 -6.95
CA GLU A 134 -22.57 -2.26 -8.24
C GLU A 134 -23.71 -1.78 -9.14
N VAL A 135 -23.47 -0.68 -9.85
CA VAL A 135 -24.45 -0.12 -10.78
C VAL A 135 -23.72 0.21 -12.08
N PRO A 136 -24.44 0.29 -13.20
CA PRO A 136 -23.78 0.64 -14.46
C PRO A 136 -23.26 2.06 -14.42
N ALA A 137 -22.22 2.32 -15.20
CA ALA A 137 -21.73 3.67 -15.37
C ALA A 137 -22.82 4.55 -15.99
N ALA A 138 -22.81 5.82 -15.63
CA ALA A 138 -23.83 6.72 -16.14
C ALA A 138 -23.35 8.14 -15.98
N PRO A 139 -23.62 9.03 -16.93
CA PRO A 139 -23.26 10.43 -16.74
C PRO A 139 -24.09 11.03 -15.62
N TYR A 140 -23.55 12.09 -15.03
CA TYR A 140 -24.19 12.70 -13.87
C TYR A 140 -25.61 13.15 -14.18
N ARG A 141 -25.87 13.44 -15.46
CA ARG A 141 -27.18 13.87 -15.94
C ARG A 141 -28.24 12.81 -15.70
N ASN A 142 -27.85 11.54 -15.71
CA ASN A 142 -28.78 10.45 -15.49
C ASN A 142 -28.95 10.23 -13.99
N PRO A 143 -30.18 10.21 -13.46
CA PRO A 143 -30.35 10.07 -12.00
C PRO A 143 -29.83 8.76 -11.44
N ASN A 144 -29.61 7.74 -12.27
CA ASN A 144 -29.03 6.49 -11.81
C ASN A 144 -27.51 6.51 -11.76
N ASN A 145 -26.90 7.65 -12.07
CA ASN A 145 -25.49 7.86 -11.75
C ASN A 145 -25.23 7.48 -10.30
N TYR A 146 -24.07 6.83 -10.05
CA TYR A 146 -23.82 6.22 -8.74
C TYR A 146 -23.81 7.25 -7.61
N VAL A 147 -23.36 8.47 -7.88
CA VAL A 147 -23.37 9.50 -6.83
C VAL A 147 -24.80 9.90 -6.48
N ARG A 148 -25.59 10.30 -7.48
CA ARG A 148 -26.97 10.65 -7.19
C ARG A 148 -27.72 9.47 -6.60
N LEU A 149 -27.46 8.27 -7.12
CA LEU A 149 -28.16 7.10 -6.60
C LEU A 149 -27.80 6.83 -5.14
N SER A 150 -26.54 6.99 -4.77
CA SER A 150 -26.17 6.76 -3.37
C SER A 150 -26.89 7.72 -2.44
N GLY A 151 -27.18 8.93 -2.91
CA GLY A 151 -27.96 9.85 -2.08
C GLY A 151 -29.34 9.31 -1.75
N ARG A 152 -30.03 8.75 -2.75
CA ARG A 152 -31.34 8.17 -2.51
C ARG A 152 -31.23 6.90 -1.65
N LEU A 153 -30.12 6.16 -1.78
CA LEU A 153 -29.95 4.98 -0.94
C LEU A 153 -29.77 5.36 0.52
N ALA A 154 -29.05 6.46 0.80
CA ALA A 154 -28.95 6.93 2.18
C ALA A 154 -30.32 7.32 2.73
N GLU A 155 -31.10 8.05 1.92
CA GLU A 155 -32.44 8.43 2.33
C GLU A 155 -33.29 7.20 2.63
N GLN A 156 -33.20 6.17 1.79
CA GLN A 156 -33.94 4.93 1.98
C GLN A 156 -33.52 4.22 3.28
N LEU A 157 -32.22 4.04 3.48
CA LEU A 157 -31.75 3.27 4.65
C LEU A 157 -31.96 4.03 5.96
N ALA A 158 -31.93 5.36 5.93
CA ALA A 158 -32.17 6.13 7.15
C ALA A 158 -33.56 5.88 7.73
N LYS A 159 -34.50 5.40 6.92
CA LYS A 159 -35.83 5.10 7.44
C LYS A 159 -35.87 3.82 8.25
N THR A 160 -34.85 2.96 8.12
CA THR A 160 -34.88 1.66 8.79
C THR A 160 -33.62 1.36 9.59
N GLU A 161 -32.68 2.31 9.72
CA GLU A 161 -31.47 2.06 10.47
C GLU A 161 -31.58 2.65 11.88
N PRO A 162 -31.76 1.84 12.91
CA PRO A 162 -31.92 2.39 14.26
C PRO A 162 -30.73 3.21 14.74
N ASN A 163 -29.53 2.94 14.22
CA ASN A 163 -28.34 3.66 14.69
C ASN A 163 -27.88 4.72 13.71
N GLY A 164 -28.70 5.06 12.74
CA GLY A 164 -28.33 6.11 11.83
C GLY A 164 -27.79 5.60 10.51
N ALA A 165 -28.04 6.37 9.46
CA ALA A 165 -27.55 6.10 8.11
C ALA A 165 -27.24 7.45 7.49
N ILE A 166 -25.95 7.74 7.27
CA ILE A 166 -25.54 9.05 6.79
C ILE A 166 -24.98 8.91 5.37
N TRP A 167 -25.19 9.96 4.59
CA TRP A 167 -24.62 10.03 3.24
C TRP A 167 -23.28 10.73 3.33
N ALA A 168 -22.19 10.01 3.07
CA ALA A 168 -20.86 10.64 3.13
C ALA A 168 -20.78 11.82 2.17
N ASN A 169 -21.25 11.66 0.94
CA ASN A 169 -21.47 12.76 -0.01
C ASN A 169 -20.17 13.54 -0.29
N GLN A 170 -19.08 12.79 -0.55
CA GLN A 170 -17.75 13.36 -0.70
C GLN A 170 -17.70 14.54 -1.68
N PHE A 171 -18.43 14.46 -2.79
CA PHE A 171 -18.30 15.50 -3.80
C PHE A 171 -18.84 16.83 -3.29
N ASP A 172 -19.85 16.81 -2.44
CA ASP A 172 -20.50 18.06 -2.04
C ASP A 172 -20.54 18.26 -0.54
N ASN A 173 -19.82 17.45 0.23
CA ASN A 173 -19.70 17.64 1.68
C ASN A 173 -18.39 18.38 1.94
N THR A 174 -18.47 19.64 2.39
CA THR A 174 -17.26 20.44 2.49
C THR A 174 -16.41 20.09 3.69
N VAL A 175 -16.77 19.08 4.48
CA VAL A 175 -15.82 18.54 5.44
C VAL A 175 -14.66 17.88 4.72
N ASN A 176 -14.87 17.45 3.48
CA ASN A 176 -13.80 16.98 2.61
C ASN A 176 -12.73 18.05 2.43
N ARG A 177 -13.13 19.21 1.91
CA ARG A 177 -12.23 20.36 1.82
C ARG A 177 -11.57 20.66 3.16
N GLN A 178 -12.32 20.55 4.26
CA GLN A 178 -11.79 20.93 5.57
C GLN A 178 -10.60 20.07 5.97
N ALA A 179 -10.64 18.78 5.61
CA ALA A 179 -9.52 17.88 5.94
C ALA A 179 -8.21 18.40 5.35
N HIS A 180 -8.25 18.90 4.12
CA HIS A 180 -7.03 19.38 3.47
C HIS A 180 -6.60 20.76 3.97
N ILE A 181 -7.56 21.60 4.37
CA ILE A 181 -7.21 22.85 5.06
C ILE A 181 -6.39 22.56 6.31
N GLU A 182 -6.87 21.62 7.14
CA GLU A 182 -6.29 21.41 8.46
C GLU A 182 -5.12 20.44 8.47
N THR A 183 -5.00 19.54 7.50
CA THR A 183 -3.90 18.59 7.55
C THR A 183 -2.98 18.74 6.35
N THR A 184 -3.46 18.47 5.14
CA THR A 184 -2.59 18.48 3.96
C THR A 184 -1.80 19.78 3.85
N ALA A 185 -2.49 20.93 3.92
CA ALA A 185 -1.79 22.20 3.73
C ALA A 185 -0.79 22.48 4.84
N GLN A 186 -1.13 22.10 6.08
CA GLN A 186 -0.20 22.33 7.19
C GLN A 186 1.05 21.48 7.05
N GLU A 187 0.89 20.22 6.63
CA GLU A 187 2.05 19.35 6.43
C GLU A 187 2.94 19.88 5.33
N ILE A 188 2.35 20.37 4.24
CA ILE A 188 3.13 20.92 3.14
C ILE A 188 3.89 22.15 3.60
N TRP A 189 3.20 23.06 4.30
CA TRP A 189 3.82 24.27 4.83
C TRP A 189 5.00 23.93 5.75
N ARG A 190 4.82 22.95 6.64
CA ARG A 190 5.87 22.62 7.60
C ARG A 190 7.01 21.85 6.94
N ASP A 191 6.70 20.91 6.04
CA ASP A 191 7.75 20.06 5.48
C ASP A 191 8.66 20.82 4.52
N THR A 192 8.16 21.87 3.84
CA THR A 192 9.01 22.70 2.99
C THR A 192 9.63 23.87 3.73
N ASN A 193 9.43 23.96 5.05
CA ASN A 193 9.98 25.05 5.87
C ASN A 193 9.59 26.41 5.31
N ASP A 194 8.30 26.56 4.98
CA ASP A 194 7.71 27.82 4.54
C ASP A 194 8.25 28.28 3.20
N GLN A 195 8.88 27.40 2.42
CA GLN A 195 9.55 27.80 1.19
C GLN A 195 8.74 27.49 -0.06
N ILE A 196 7.57 26.87 0.08
CA ILE A 196 6.82 26.47 -1.09
C ILE A 196 6.39 27.72 -1.86
N ASP A 197 6.50 27.63 -3.19
CA ASP A 197 6.12 28.68 -4.11
C ASP A 197 4.88 28.35 -4.91
N GLY A 198 4.58 27.08 -5.11
CA GLY A 198 3.44 26.68 -5.92
C GLY A 198 2.93 25.32 -5.55
N PHE A 199 1.62 25.15 -5.69
CA PHE A 199 0.97 23.87 -5.45
C PHE A 199 0.02 23.60 -6.62
N VAL A 200 -0.01 22.34 -7.08
CA VAL A 200 -0.81 21.97 -8.24
C VAL A 200 -1.42 20.59 -8.01
N ALA A 201 -2.70 20.43 -8.37
CA ALA A 201 -3.37 19.14 -8.24
C ALA A 201 -4.53 19.09 -9.21
N ALA A 202 -4.90 17.86 -9.59
CA ALA A 202 -6.10 17.57 -10.35
C ALA A 202 -7.31 17.51 -9.43
N VAL A 203 -8.50 17.53 -10.02
CA VAL A 203 -9.74 17.65 -9.25
C VAL A 203 -10.65 16.46 -9.53
N GLY A 204 -11.11 15.82 -8.45
CA GLY A 204 -12.25 14.94 -8.47
C GLY A 204 -13.44 15.55 -7.74
N SER A 205 -13.43 15.48 -6.40
CA SER A 205 -14.37 16.26 -5.61
C SER A 205 -13.95 17.71 -5.51
N GLY A 206 -12.65 18.00 -5.66
CA GLY A 206 -12.14 19.33 -5.40
C GLY A 206 -11.63 19.56 -3.99
N GLY A 207 -11.79 18.59 -3.09
CA GLY A 207 -11.33 18.78 -1.72
C GLY A 207 -9.84 19.05 -1.63
N THR A 208 -9.04 18.20 -2.26
CA THR A 208 -7.59 18.37 -2.19
C THR A 208 -7.18 19.76 -2.66
N LEU A 209 -7.56 20.12 -3.89
CA LEU A 209 -7.05 21.37 -4.47
C LEU A 209 -7.60 22.60 -3.75
N ALA A 210 -8.93 22.67 -3.59
CA ALA A 210 -9.50 23.85 -2.96
C ALA A 210 -9.08 23.97 -1.51
N GLY A 211 -9.04 22.84 -0.79
CA GLY A 211 -8.74 22.91 0.64
C GLY A 211 -7.28 23.21 0.91
N THR A 212 -6.39 22.55 0.18
CA THR A 212 -4.96 22.86 0.33
C THR A 212 -4.69 24.31 -0.05
N ALA A 213 -5.38 24.81 -1.07
CA ALA A 213 -5.18 26.20 -1.50
C ALA A 213 -5.56 27.18 -0.39
N ILE A 214 -6.72 26.95 0.24
CA ILE A 214 -7.13 27.84 1.33
C ILE A 214 -6.09 27.83 2.44
N GLY A 215 -5.66 26.65 2.86
CA GLY A 215 -4.70 26.56 3.94
C GLY A 215 -3.33 27.12 3.57
N LEU A 216 -2.88 26.85 2.34
CA LEU A 216 -1.58 27.40 1.92
C LEU A 216 -1.63 28.92 1.80
N LYS A 217 -2.68 29.45 1.16
CA LYS A 217 -2.75 30.90 0.98
C LYS A 217 -2.95 31.62 2.30
N GLU A 218 -3.62 30.99 3.26
CA GLU A 218 -3.69 31.57 4.61
C GLU A 218 -2.30 31.76 5.20
N ARG A 219 -1.38 30.84 4.89
CA ARG A 219 -0.01 30.95 5.40
C ARG A 219 0.81 31.94 4.60
N ASN A 220 0.56 32.04 3.29
CA ASN A 220 1.34 32.93 2.44
C ASN A 220 0.51 33.19 1.19
N HIS A 221 -0.10 34.38 1.12
CA HIS A 221 -0.99 34.73 0.01
C HIS A 221 -0.29 34.75 -1.34
N ASN A 222 1.05 34.69 -1.37
CA ASN A 222 1.81 34.73 -2.61
C ASN A 222 2.04 33.34 -3.23
N ILE A 223 1.73 32.27 -2.50
CA ILE A 223 1.76 30.92 -3.08
C ILE A 223 0.81 30.86 -4.27
N LYS A 224 1.29 30.28 -5.38
CA LYS A 224 0.47 30.14 -6.58
C LYS A 224 -0.13 28.75 -6.64
N ILE A 225 -1.39 28.69 -7.03
CA ILE A 225 -2.17 27.47 -7.06
C ILE A 225 -2.56 27.18 -8.50
N ALA A 226 -2.33 25.94 -8.96
CA ALA A 226 -2.66 25.57 -10.33
C ALA A 226 -3.57 24.34 -10.37
N LEU A 227 -4.49 24.34 -11.32
CA LEU A 227 -5.30 23.19 -11.66
C LEU A 227 -4.63 22.37 -12.76
N ALA A 228 -4.62 21.04 -12.61
CA ALA A 228 -4.19 20.13 -13.67
C ALA A 228 -5.39 19.30 -14.10
N ASP A 229 -5.84 19.50 -15.34
CA ASP A 229 -7.11 18.96 -15.79
C ASP A 229 -6.91 17.99 -16.94
N PRO A 230 -7.45 16.78 -16.87
CA PRO A 230 -7.37 15.85 -17.99
C PRO A 230 -8.43 16.16 -19.04
N HIS A 231 -8.19 15.66 -20.25
CA HIS A 231 -9.23 15.72 -21.29
C HIS A 231 -10.51 15.05 -20.79
N GLY A 232 -11.65 15.56 -21.25
CA GLY A 232 -12.94 15.09 -20.79
C GLY A 232 -13.46 15.74 -19.52
N ALA A 233 -12.66 16.56 -18.85
CA ALA A 233 -13.15 17.38 -17.74
C ALA A 233 -13.55 18.76 -18.25
N ALA A 234 -14.39 19.44 -17.48
CA ALA A 234 -14.90 20.74 -17.90
C ALA A 234 -14.27 21.91 -17.15
N LEU A 235 -13.40 21.66 -16.16
CA LEU A 235 -12.98 22.71 -15.24
C LEU A 235 -12.00 23.71 -15.87
N HIS A 236 -11.02 23.23 -16.64
CA HIS A 236 -10.09 24.15 -17.31
C HIS A 236 -10.83 25.13 -18.22
N ALA A 237 -11.76 24.62 -19.03
CA ALA A 237 -12.58 25.51 -19.85
C ALA A 237 -13.36 26.50 -18.99
N PHE A 238 -13.94 26.03 -17.88
CA PHE A 238 -14.73 26.95 -17.06
C PHE A 238 -13.89 28.10 -16.53
N TYR A 239 -12.75 27.78 -15.88
CA TYR A 239 -11.92 28.83 -15.30
C TYR A 239 -11.31 29.75 -16.36
N THR A 240 -10.96 29.23 -17.55
CA THR A 240 -10.29 30.06 -18.54
C THR A 240 -11.25 30.75 -19.51
N THR A 241 -12.42 30.19 -19.78
CA THR A 241 -13.34 30.79 -20.74
C THR A 241 -14.74 31.05 -20.20
N GLY A 242 -15.08 30.54 -19.03
CA GLY A 242 -16.41 30.71 -18.48
C GLY A 242 -17.39 29.61 -18.83
N GLU A 243 -16.97 28.64 -19.65
CA GLU A 243 -17.88 27.62 -20.16
C GLU A 243 -17.50 26.26 -19.59
N LEU A 244 -18.47 25.56 -19.00
CA LEU A 244 -18.25 24.19 -18.55
C LEU A 244 -18.35 23.27 -19.77
N LYS A 245 -17.27 23.21 -20.54
CA LYS A 245 -17.23 22.46 -21.78
C LYS A 245 -16.14 21.38 -21.70
N ALA A 246 -16.53 20.14 -21.96
CA ALA A 246 -15.61 19.01 -21.96
C ALA A 246 -15.35 18.56 -23.39
N GLU A 247 -14.13 18.09 -23.63
CA GLU A 247 -13.70 17.66 -24.96
C GLU A 247 -12.82 16.43 -24.82
N GLY A 248 -13.12 15.39 -25.60
CA GLY A 248 -12.33 14.17 -25.54
C GLY A 248 -12.59 13.40 -24.26
N ASP A 249 -11.63 12.53 -23.93
CA ASP A 249 -11.75 11.69 -22.75
C ASP A 249 -10.36 11.33 -22.26
N SER A 250 -10.30 10.84 -21.03
CA SER A 250 -9.03 10.46 -20.40
C SER A 250 -9.12 9.06 -19.83
N ILE A 251 -8.03 8.31 -19.99
N ILE A 251 -8.05 8.28 -19.98
CA ILE A 251 -7.92 6.98 -19.40
CA ILE A 251 -8.06 6.96 -19.35
C ILE A 251 -7.76 7.07 -17.88
C ILE A 251 -7.66 7.02 -17.89
N THR A 252 -7.23 8.18 -17.40
CA THR A 252 -6.95 8.33 -15.97
C THR A 252 -8.24 8.26 -15.16
N GLU A 253 -8.13 7.73 -13.94
CA GLU A 253 -9.29 7.56 -13.07
C GLU A 253 -9.07 8.26 -11.73
N GLY A 254 -10.18 8.60 -11.08
CA GLY A 254 -10.17 9.33 -9.82
C GLY A 254 -10.38 10.83 -9.98
N ILE A 255 -10.31 11.34 -11.21
CA ILE A 255 -10.35 12.77 -11.49
C ILE A 255 -11.16 12.98 -12.76
N GLY A 256 -11.55 14.23 -12.99
CA GLY A 256 -12.32 14.60 -14.16
C GLY A 256 -13.72 15.02 -13.78
N GLN A 257 -13.94 16.31 -13.63
CA GLN A 257 -15.16 16.83 -13.01
C GLN A 257 -15.90 17.74 -13.99
N GLY A 258 -17.21 17.53 -14.13
CA GLY A 258 -18.00 18.30 -15.07
C GLY A 258 -18.87 19.39 -14.48
N ARG A 259 -18.81 19.61 -13.16
CA ARG A 259 -19.61 20.65 -12.53
C ARG A 259 -18.83 21.24 -11.38
N ILE A 260 -19.27 22.41 -10.92
CA ILE A 260 -18.66 23.06 -9.76
C ILE A 260 -19.30 22.44 -8.51
N THR A 261 -18.59 21.51 -7.87
CA THR A 261 -19.08 20.87 -6.66
C THR A 261 -19.06 21.87 -5.50
N ALA A 262 -19.71 21.47 -4.39
CA ALA A 262 -19.68 22.35 -3.23
C ALA A 262 -18.26 22.53 -2.70
N ASN A 263 -17.39 21.52 -2.86
CA ASN A 263 -16.01 21.72 -2.41
C ASN A 263 -15.29 22.73 -3.30
N LEU A 264 -15.72 22.88 -4.55
CA LEU A 264 -15.12 23.86 -5.45
C LEU A 264 -15.72 25.25 -5.30
N GLU A 265 -16.74 25.43 -4.47
CA GLU A 265 -17.45 26.72 -4.39
C GLU A 265 -16.51 27.84 -3.98
N GLY A 266 -16.42 28.89 -4.82
CA GLY A 266 -15.57 30.03 -4.54
C GLY A 266 -14.10 29.85 -4.86
N PHE A 267 -13.71 28.72 -5.42
CA PHE A 267 -12.31 28.51 -5.78
C PHE A 267 -11.99 29.10 -7.15
N THR A 268 -10.83 29.76 -7.27
CA THR A 268 -10.28 30.15 -8.59
C THR A 268 -8.77 29.86 -8.58
N PRO A 269 -8.27 29.07 -9.53
CA PRO A 269 -6.83 28.81 -9.57
C PRO A 269 -6.09 29.97 -10.18
N ASP A 270 -4.80 30.09 -9.83
CA ASP A 270 -3.93 31.09 -10.44
C ASP A 270 -3.45 30.67 -11.82
N PHE A 271 -3.31 29.37 -12.05
CA PHE A 271 -2.93 28.82 -13.34
C PHE A 271 -3.81 27.61 -13.60
N SER A 272 -4.07 27.33 -14.87
CA SER A 272 -4.86 26.17 -15.23
C SER A 272 -4.23 25.51 -16.44
N TYR A 273 -4.10 24.18 -16.40
CA TYR A 273 -3.45 23.41 -17.44
C TYR A 273 -4.34 22.25 -17.87
N GLN A 274 -4.47 22.06 -19.19
CA GLN A 274 -5.12 20.89 -19.75
C GLN A 274 -4.02 19.93 -20.20
N ILE A 275 -3.98 18.74 -19.60
CA ILE A 275 -2.91 17.77 -19.77
C ILE A 275 -3.45 16.61 -20.62
N PRO A 276 -2.95 16.39 -21.82
CA PRO A 276 -3.38 15.21 -22.58
C PRO A 276 -2.75 13.94 -22.00
N ASP A 277 -3.44 12.82 -22.25
CA ASP A 277 -3.04 11.54 -21.67
C ASP A 277 -1.62 11.15 -22.04
N ALA A 278 -1.18 11.43 -23.28
CA ALA A 278 0.17 11.01 -23.67
C ALA A 278 1.22 11.67 -22.80
N GLU A 279 1.03 12.95 -22.48
CA GLU A 279 1.98 13.67 -21.65
C GLU A 279 2.06 13.07 -20.26
N ALA A 280 0.90 12.74 -19.67
CA ALA A 280 0.87 12.14 -18.34
C ALA A 280 1.47 10.74 -18.35
N LEU A 281 1.17 9.96 -19.39
CA LEU A 281 1.67 8.59 -19.43
C LEU A 281 3.17 8.54 -19.64
N ASP A 282 3.71 9.42 -20.51
CA ASP A 282 5.17 9.48 -20.68
C ASP A 282 5.86 9.68 -19.33
N ILE A 283 5.31 10.55 -18.49
CA ILE A 283 5.88 10.80 -17.16
C ILE A 283 5.75 9.56 -16.28
N LEU A 284 4.57 8.94 -16.27
CA LEU A 284 4.33 7.78 -15.42
C LEU A 284 5.23 6.61 -15.79
N PHE A 285 5.39 6.33 -17.09
CA PHE A 285 6.18 5.19 -17.50
C PHE A 285 7.66 5.42 -17.17
N ALA A 286 8.14 6.65 -17.35
CA ALA A 286 9.52 6.96 -16.99
C ALA A 286 9.74 6.89 -15.49
N LEU A 287 8.72 7.26 -14.69
CA LEU A 287 8.87 7.22 -13.24
C LEU A 287 9.05 5.79 -12.74
N VAL A 288 8.36 4.82 -13.36
CA VAL A 288 8.56 3.42 -13.00
C VAL A 288 10.02 3.03 -13.18
N GLU A 289 10.55 3.28 -14.37
CA GLU A 289 11.89 2.79 -14.72
C GLU A 289 13.01 3.60 -14.07
N GLU A 290 12.83 4.91 -13.92
CA GLU A 290 13.90 5.79 -13.47
C GLU A 290 13.88 6.06 -11.98
N GLU A 291 12.71 6.00 -11.34
CA GLU A 291 12.60 6.46 -9.97
C GLU A 291 11.93 5.42 -9.09
N GLY A 292 11.63 4.22 -9.62
CA GLY A 292 11.06 3.14 -8.84
C GLY A 292 9.67 3.39 -8.29
N LEU A 293 8.91 4.30 -8.89
CA LEU A 293 7.53 4.62 -8.46
C LEU A 293 6.54 4.24 -9.55
N CYS A 294 5.54 3.41 -9.19
CA CYS A 294 4.46 3.00 -10.08
C CYS A 294 3.16 3.59 -9.54
N LEU A 295 2.70 4.67 -10.15
CA LEU A 295 1.62 5.49 -9.59
C LEU A 295 0.40 5.49 -10.50
N GLY A 296 -0.75 5.93 -9.96
CA GLY A 296 -1.98 5.96 -10.73
C GLY A 296 -2.03 7.10 -11.75
N GLY A 297 -3.07 7.09 -12.58
CA GLY A 297 -3.17 8.07 -13.66
C GLY A 297 -3.19 9.50 -13.16
N SER A 298 -3.84 9.75 -12.02
CA SER A 298 -3.92 11.13 -11.56
C SER A 298 -2.55 11.68 -11.16
N SER A 299 -1.63 10.82 -10.71
CA SER A 299 -0.29 11.27 -10.39
C SER A 299 0.44 11.73 -11.64
N GLY A 300 0.21 11.07 -12.78
CA GLY A 300 0.84 11.53 -14.01
C GLY A 300 0.32 12.89 -14.43
N ILE A 301 -0.99 13.11 -14.27
CA ILE A 301 -1.58 14.41 -14.57
C ILE A 301 -1.00 15.48 -13.64
N ASN A 302 -0.86 15.12 -12.36
CA ASN A 302 -0.37 16.08 -11.37
C ASN A 302 1.09 16.45 -11.59
N ILE A 303 1.95 15.46 -11.84
CA ILE A 303 3.36 15.78 -12.10
C ILE A 303 3.48 16.57 -13.40
N ALA A 304 2.72 16.18 -14.42
CA ALA A 304 2.70 16.99 -15.65
C ALA A 304 2.34 18.44 -15.35
N GLY A 305 1.35 18.65 -14.47
CA GLY A 305 1.00 20.00 -14.09
C GLY A 305 2.07 20.70 -13.28
N ALA A 306 2.81 19.96 -12.46
CA ALA A 306 3.89 20.57 -11.69
C ALA A 306 5.00 21.07 -12.62
N ILE A 307 5.27 20.33 -13.70
CA ILE A 307 6.27 20.78 -14.66
C ILE A 307 5.79 22.04 -15.38
N ARG A 308 4.53 22.04 -15.83
CA ARG A 308 3.95 23.26 -16.40
C ARG A 308 4.08 24.45 -15.45
N LEU A 309 3.70 24.27 -14.18
CA LEU A 309 3.77 25.37 -13.22
C LEU A 309 5.21 25.85 -13.05
N ALA A 310 6.16 24.92 -12.96
CA ALA A 310 7.57 25.28 -12.85
C ALA A 310 8.03 26.11 -14.04
N LYS A 311 7.57 25.78 -15.25
CA LYS A 311 7.96 26.58 -16.42
C LYS A 311 7.38 27.99 -16.35
N ASP A 312 6.17 28.15 -15.82
CA ASP A 312 5.58 29.49 -15.73
C ASP A 312 6.19 30.32 -14.61
N LEU A 313 6.60 29.67 -13.52
CA LEU A 313 7.23 30.41 -12.43
C LEU A 313 8.69 30.70 -12.72
N GLY A 314 9.36 29.82 -13.46
CA GLY A 314 10.77 29.97 -13.75
C GLY A 314 11.61 29.13 -12.80
N PRO A 315 12.88 28.93 -13.14
CA PRO A 315 13.76 28.12 -12.29
C PRO A 315 14.00 28.78 -10.92
N GLY A 316 14.35 27.94 -9.95
CA GLY A 316 14.65 28.42 -8.62
C GLY A 316 13.49 28.43 -7.66
N HIS A 317 12.42 27.73 -7.97
CA HIS A 317 11.23 27.73 -7.12
C HIS A 317 10.94 26.33 -6.62
N THR A 318 10.08 26.24 -5.59
CA THR A 318 9.69 24.98 -4.98
C THR A 318 8.22 24.73 -5.28
N ILE A 319 7.94 23.58 -5.90
CA ILE A 319 6.59 23.22 -6.30
CA ILE A 319 6.59 23.21 -6.33
C ILE A 319 6.24 21.88 -5.66
N VAL A 320 5.00 21.76 -5.18
CA VAL A 320 4.53 20.53 -4.56
C VAL A 320 3.26 20.08 -5.28
N THR A 321 3.16 18.78 -5.56
CA THR A 321 1.92 18.19 -6.05
C THR A 321 1.59 16.93 -5.24
N VAL A 322 0.65 16.10 -5.70
CA VAL A 322 0.13 15.00 -4.89
C VAL A 322 0.28 13.69 -5.66
N LEU A 323 0.83 12.67 -5.01
CA LEU A 323 0.94 11.32 -5.58
C LEU A 323 -0.20 10.48 -4.97
N CYS A 324 -1.32 10.39 -5.69
CA CYS A 324 -2.62 10.13 -5.07
C CYS A 324 -2.84 8.66 -4.69
N ASP A 325 -2.40 7.72 -5.53
CA ASP A 325 -2.53 6.29 -5.24
C ASP A 325 -1.57 5.54 -6.14
N TYR A 326 -1.53 4.21 -5.99
CA TYR A 326 -0.61 3.33 -6.70
C TYR A 326 -1.12 2.99 -8.10
N GLY A 327 -0.18 2.63 -8.99
CA GLY A 327 -0.57 2.28 -10.36
C GLY A 327 -1.14 0.88 -10.49
N ASN A 328 -0.72 -0.05 -9.62
CA ASN A 328 -1.23 -1.41 -9.47
C ASN A 328 -2.66 -1.61 -9.94
N ARG A 329 -3.58 -0.88 -9.29
CA ARG A 329 -5.01 -1.10 -9.44
C ARG A 329 -5.52 -0.82 -10.86
N TYR A 330 -4.70 -0.20 -11.71
CA TYR A 330 -5.10 0.22 -13.05
C TYR A 330 -4.34 -0.51 -14.17
N GLN A 331 -3.68 -1.63 -13.87
CA GLN A 331 -2.81 -2.28 -14.85
CA GLN A 331 -2.79 -2.21 -14.87
C GLN A 331 -3.53 -2.59 -16.15
N SER A 332 -4.78 -3.05 -16.05
CA SER A 332 -5.52 -3.51 -17.23
C SER A 332 -5.79 -2.41 -18.25
N LYS A 333 -5.63 -1.15 -17.89
CA LYS A 333 -5.83 -0.04 -18.82
C LYS A 333 -4.59 0.82 -18.92
N LEU A 334 -4.19 1.41 -17.79
CA LEU A 334 -3.11 2.40 -17.77
C LEU A 334 -1.78 1.79 -18.23
N PHE A 335 -1.56 0.50 -17.98
CA PHE A 335 -0.30 -0.15 -18.32
C PHE A 335 -0.50 -1.34 -19.26
N ASN A 336 -1.49 -1.26 -20.14
CA ASN A 336 -1.87 -2.39 -20.98
C ASN A 336 -1.58 -2.06 -22.43
N PRO A 337 -0.57 -2.70 -23.04
CA PRO A 337 -0.22 -2.35 -24.43
C PRO A 337 -1.40 -2.35 -25.39
N ALA A 338 -2.16 -3.44 -25.44
CA ALA A 338 -3.28 -3.54 -26.38
C ALA A 338 -4.28 -2.41 -26.18
N PHE A 339 -4.64 -2.11 -24.94
CA PHE A 339 -5.60 -1.05 -24.67
C PHE A 339 -5.03 0.32 -25.05
N LEU A 340 -3.76 0.55 -24.72
CA LEU A 340 -3.12 1.84 -25.04
C LEU A 340 -2.97 2.02 -26.54
N ARG A 341 -2.57 0.97 -27.26
CA ARG A 341 -2.42 1.09 -28.70
CA ARG A 341 -2.42 1.09 -28.70
C ARG A 341 -3.74 1.44 -29.37
N GLY A 342 -4.85 0.86 -28.88
CA GLY A 342 -6.15 1.17 -29.45
C GLY A 342 -6.49 2.64 -29.40
N LYS A 343 -5.98 3.36 -28.41
CA LYS A 343 -6.21 4.79 -28.27
C LYS A 343 -5.02 5.63 -28.73
N SER A 344 -4.07 5.03 -29.45
CA SER A 344 -2.91 5.76 -29.99
C SER A 344 -2.09 6.41 -28.88
N LEU A 345 -2.00 5.73 -27.73
CA LEU A 345 -1.30 6.22 -26.57
C LEU A 345 0.06 5.56 -26.45
N PRO A 346 1.03 6.18 -25.77
CA PRO A 346 2.33 5.53 -25.58
C PRO A 346 2.18 4.26 -24.76
N VAL A 347 3.14 3.36 -24.95
CA VAL A 347 3.12 2.03 -24.36
C VAL A 347 4.40 1.85 -23.55
N PRO A 348 4.32 1.28 -22.33
CA PRO A 348 5.55 1.04 -21.55
C PRO A 348 6.52 0.16 -22.34
N ARG A 349 7.72 0.70 -22.58
CA ARG A 349 8.68 0.03 -23.47
C ARG A 349 9.06 -1.35 -22.94
N TRP A 350 9.17 -1.49 -21.62
CA TRP A 350 9.64 -2.74 -21.04
C TRP A 350 8.60 -3.86 -21.07
N LEU A 351 7.33 -3.54 -21.35
CA LEU A 351 6.32 -4.57 -21.52
C LEU A 351 6.25 -5.10 -22.95
N GLU A 352 7.19 -4.69 -23.80
CA GLU A 352 7.22 -5.15 -25.19
C GLU A 352 8.30 -6.20 -25.43
N GLU A 356 13.47 -13.65 -23.37
CA GLU A 356 13.51 -15.08 -23.68
C GLU A 356 14.79 -15.74 -23.18
N ILE A 357 14.84 -16.02 -21.87
CA ILE A 357 16.02 -16.59 -21.22
C ILE A 357 15.87 -18.11 -21.15
N ASP A 358 16.96 -18.82 -21.43
CA ASP A 358 16.98 -20.27 -21.21
C ASP A 358 16.99 -20.58 -19.72
N ILE A 359 15.95 -21.28 -19.25
CA ILE A 359 15.85 -21.59 -17.82
C ILE A 359 16.73 -22.81 -17.52
N PRO A 360 17.64 -22.71 -16.51
CA PRO A 360 18.59 -23.79 -16.22
C PRO A 360 18.01 -24.93 -15.37
N PHE A 361 16.86 -25.47 -15.81
CA PHE A 361 16.31 -26.66 -15.20
C PHE A 361 17.34 -27.79 -15.19
N GLU A 362 17.33 -28.58 -14.12
CA GLU A 362 18.12 -29.80 -14.04
C GLU A 362 17.22 -31.00 -14.22
N GLY A 363 17.71 -32.00 -14.94
CA GLY A 363 16.89 -33.13 -15.32
C GLY A 363 15.90 -32.75 -16.40
N PHE B 23 13.24 13.80 1.78
CA PHE B 23 13.22 12.49 1.14
C PHE B 23 13.62 12.60 -0.32
N ASN B 24 14.85 12.22 -0.65
CA ASN B 24 15.33 12.42 -2.01
C ASN B 24 14.78 11.40 -3.00
N SER B 25 14.20 10.32 -2.51
CA SER B 25 13.58 9.32 -3.38
C SER B 25 12.70 8.43 -2.53
N VAL B 26 12.02 7.49 -3.20
CA VAL B 26 11.13 6.56 -2.51
C VAL B 26 11.91 5.69 -1.52
N LEU B 27 13.21 5.49 -1.77
CA LEU B 27 14.00 4.64 -0.87
C LEU B 27 14.07 5.22 0.53
N ASP B 28 14.00 6.54 0.65
CA ASP B 28 13.99 7.19 1.97
C ASP B 28 12.71 6.95 2.76
N THR B 29 11.64 6.42 2.15
CA THR B 29 10.44 6.10 2.90
C THR B 29 10.41 4.65 3.40
N ILE B 30 11.45 3.86 3.13
CA ILE B 30 11.52 2.50 3.67
C ILE B 30 11.85 2.58 5.15
N GLY B 31 11.15 1.79 5.96
CA GLY B 31 11.45 1.72 7.39
C GLY B 31 10.74 2.80 8.17
N ASN B 32 11.09 2.89 9.46
CA ASN B 32 10.51 3.88 10.36
C ASN B 32 8.99 3.75 10.40
N THR B 33 8.52 2.50 10.33
CA THR B 33 7.10 2.16 10.31
C THR B 33 6.52 2.28 11.72
N PRO B 34 5.23 2.64 11.84
CA PRO B 34 4.64 2.85 13.16
C PRO B 34 4.29 1.54 13.85
N LEU B 35 4.25 1.60 15.18
CA LEU B 35 3.69 0.55 16.02
C LEU B 35 2.21 0.83 16.23
N ILE B 36 1.36 -0.10 15.80
CA ILE B 36 -0.09 0.03 15.99
C ILE B 36 -0.49 -0.87 17.14
N ARG B 37 -1.30 -0.33 18.06
CA ARG B 37 -1.79 -1.13 19.18
C ARG B 37 -2.84 -2.13 18.70
N LEU B 38 -2.70 -3.37 19.14
CA LEU B 38 -3.68 -4.42 18.83
C LEU B 38 -4.67 -4.48 19.98
N SER B 39 -5.90 -3.99 19.74
CA SER B 39 -6.83 -3.67 20.82
CA SER B 39 -6.80 -3.66 20.84
C SER B 39 -7.31 -4.92 21.56
N LYS B 40 -7.90 -5.87 20.82
CA LYS B 40 -8.45 -7.04 21.48
C LYS B 40 -7.34 -7.93 22.04
N ALA B 41 -6.23 -8.03 21.32
CA ALA B 41 -5.10 -8.80 21.85
C ALA B 41 -4.60 -8.23 23.16
N SER B 42 -4.52 -6.90 23.25
CA SER B 42 -4.11 -6.26 24.50
C SER B 42 -5.14 -6.49 25.60
N GLU B 43 -6.42 -6.40 25.25
CA GLU B 43 -7.49 -6.58 26.23
C GLU B 43 -7.50 -7.98 26.79
N LEU B 44 -7.31 -8.99 25.93
CA LEU B 44 -7.43 -10.37 26.39
C LEU B 44 -6.27 -10.80 27.26
N THR B 45 -5.14 -10.09 27.21
CA THR B 45 -3.94 -10.49 27.92
C THR B 45 -3.52 -9.53 29.03
N GLY B 46 -4.17 -8.37 29.16
CA GLY B 46 -3.73 -7.39 30.14
C GLY B 46 -2.35 -6.82 29.86
N CYS B 47 -1.91 -6.87 28.62
CA CYS B 47 -0.63 -6.34 28.18
C CYS B 47 -0.85 -5.27 27.12
N ASP B 48 0.19 -4.51 26.83
CA ASP B 48 0.21 -3.62 25.67
C ASP B 48 0.88 -4.38 24.53
N ILE B 49 0.08 -4.76 23.53
CA ILE B 49 0.55 -5.54 22.40
C ILE B 49 0.47 -4.68 21.14
N TYR B 50 1.57 -4.62 20.39
CA TYR B 50 1.70 -3.75 19.23
C TYR B 50 2.14 -4.56 18.02
N GLY B 51 1.65 -4.14 16.86
CA GLY B 51 2.08 -4.67 15.58
C GLY B 51 2.79 -3.57 14.81
N LYS B 52 4.00 -3.88 14.37
CA LYS B 52 4.77 -2.93 13.57
C LYS B 52 4.28 -3.00 12.13
N ALA B 53 3.85 -1.86 11.59
CA ALA B 53 3.09 -1.83 10.32
C ALA B 53 4.06 -1.81 9.13
N GLU B 54 4.66 -2.97 8.87
CA GLU B 54 5.55 -3.11 7.72
C GLU B 54 4.81 -3.01 6.39
N PHE B 55 3.47 -3.10 6.41
CA PHE B 55 2.71 -2.89 5.20
C PHE B 55 2.70 -1.43 4.75
N LEU B 56 3.24 -0.50 5.56
CA LEU B 56 3.30 0.89 5.15
C LEU B 56 4.64 1.24 4.49
N ASN B 57 5.54 0.27 4.37
CA ASN B 57 6.69 0.42 3.49
C ASN B 57 6.21 0.67 2.06
N PRO B 58 7.00 1.37 1.23
CA PRO B 58 6.55 1.68 -0.14
C PRO B 58 6.30 0.46 -1.00
N GLY B 59 7.06 -0.62 -0.82
CA GLY B 59 6.78 -1.87 -1.49
C GLY B 59 5.67 -2.70 -0.88
N GLN B 60 5.05 -2.19 0.19
CA GLN B 60 3.87 -2.77 0.88
C GLN B 60 4.20 -4.04 1.66
N SER B 61 5.46 -4.30 1.99
CA SER B 61 5.77 -5.45 2.85
C SER B 61 7.05 -5.18 3.62
N VAL B 62 7.32 -6.05 4.58
CA VAL B 62 8.56 -6.08 5.34
C VAL B 62 9.81 -6.26 4.45
N1 LLP B 63 5.52 -12.53 6.12
C2 LLP B 63 5.60 -12.12 4.85
C2' LLP B 63 4.34 -11.56 4.12
C3 LLP B 63 6.84 -12.17 4.15
O3 LLP B 63 6.85 -11.72 2.83
C4 LLP B 63 7.98 -12.66 4.79
C4' LLP B 63 9.41 -12.75 4.04
C5 LLP B 63 7.89 -13.10 6.08
C6 LLP B 63 6.66 -13.02 6.76
C5' LLP B 63 9.13 -13.68 6.85
OP4 LLP B 63 10.14 -12.72 7.01
P LLP B 63 11.60 -13.26 7.04
OP1 LLP B 63 12.49 -12.11 7.55
OP2 LLP B 63 11.72 -14.43 7.93
OP3 LLP B 63 11.97 -13.69 5.65
N LLP B 63 9.62 -6.82 3.25
CA LLP B 63 10.78 -7.22 2.43
CB LLP B 63 10.36 -8.15 1.30
CG LLP B 63 9.98 -9.54 1.84
CD LLP B 63 11.20 -10.29 2.44
CE LLP B 63 10.90 -11.81 2.49
NZ LLP B 63 9.48 -12.02 2.82
C LLP B 63 11.51 -6.04 1.85
O LLP B 63 12.59 -6.23 1.30
N ASP B 64 10.95 -4.84 1.96
CA ASP B 64 11.67 -3.65 1.49
C ASP B 64 13.01 -3.48 2.23
N ARG B 65 13.05 -3.88 3.51
CA ARG B 65 14.24 -3.70 4.32
CA ARG B 65 14.25 -3.69 4.31
C ARG B 65 15.40 -4.54 3.81
N ALA B 66 15.19 -5.86 3.70
CA ALA B 66 16.27 -6.72 3.20
C ALA B 66 16.63 -6.36 1.76
N ALA B 67 15.64 -5.99 0.95
CA ALA B 67 15.88 -5.64 -0.44
C ALA B 67 16.84 -4.46 -0.53
N LEU B 68 16.58 -3.40 0.23
CA LEU B 68 17.49 -2.26 0.23
C LEU B 68 18.90 -2.66 0.67
N TYR B 69 19.00 -3.38 1.80
CA TYR B 69 20.31 -3.71 2.34
C TYR B 69 21.08 -4.63 1.40
N ILE B 70 20.39 -5.59 0.77
CA ILE B 70 21.07 -6.53 -0.11
C ILE B 70 21.66 -5.80 -1.31
N ILE B 71 20.91 -4.87 -1.90
CA ILE B 71 21.40 -4.23 -3.11
C ILE B 71 22.51 -3.23 -2.78
N ARG B 72 22.38 -2.53 -1.65
CA ARG B 72 23.43 -1.59 -1.25
C ARG B 72 24.73 -2.33 -0.95
N ASP B 73 24.64 -3.53 -0.37
CA ASP B 73 25.84 -4.31 -0.05
C ASP B 73 26.57 -4.75 -1.32
N ALA B 74 25.82 -5.23 -2.31
CA ALA B 74 26.42 -5.65 -3.57
C ALA B 74 27.09 -4.46 -4.26
N GLU B 75 26.50 -3.27 -4.13
CA GLU B 75 27.10 -2.03 -4.61
C GLU B 75 28.45 -1.79 -3.96
N LYS B 76 28.46 -1.65 -2.63
CA LYS B 76 29.69 -1.29 -1.93
C LYS B 76 30.81 -2.28 -2.23
N ARG B 77 30.48 -3.53 -2.54
CA ARG B 77 31.47 -4.55 -2.86
C ARG B 77 31.78 -4.63 -4.36
N GLY B 78 31.33 -3.65 -5.14
CA GLY B 78 31.68 -3.59 -6.55
C GLY B 78 31.20 -4.76 -7.37
N LEU B 79 30.09 -5.38 -6.97
CA LEU B 79 29.54 -6.50 -7.71
C LEU B 79 28.47 -6.07 -8.71
N LEU B 80 27.93 -4.87 -8.57
CA LEU B 80 27.02 -4.28 -9.55
C LEU B 80 27.62 -3.00 -10.11
N ARG B 81 27.36 -2.77 -11.40
CA ARG B 81 27.62 -1.52 -12.09
C ARG B 81 26.31 -1.09 -12.73
N PRO B 82 26.20 0.17 -13.17
CA PRO B 82 24.94 0.64 -13.75
C PRO B 82 24.45 -0.30 -14.85
N GLY B 83 23.20 -0.73 -14.72
CA GLY B 83 22.63 -1.64 -15.67
C GLY B 83 22.78 -3.10 -15.30
N GLY B 84 23.44 -3.41 -14.19
CA GLY B 84 23.60 -4.79 -13.74
C GLY B 84 22.28 -5.40 -13.25
N VAL B 85 22.28 -6.72 -13.10
CA VAL B 85 21.07 -7.50 -12.85
C VAL B 85 21.13 -8.09 -11.44
N ILE B 86 20.01 -8.00 -10.72
CA ILE B 86 19.80 -8.68 -9.45
C ILE B 86 18.86 -9.84 -9.71
N VAL B 87 19.30 -11.05 -9.39
CA VAL B 87 18.56 -12.28 -9.68
C VAL B 87 18.03 -12.85 -8.37
N GLU B 88 16.73 -13.18 -8.34
CA GLU B 88 16.17 -13.70 -7.10
C GLU B 88 15.02 -14.69 -7.33
N GLY B 89 14.96 -15.71 -6.48
CA GLY B 89 13.82 -16.59 -6.42
C GLY B 89 12.95 -16.16 -5.25
N THR B 90 11.71 -15.78 -5.57
CA THR B 90 10.84 -15.13 -4.58
C THR B 90 9.38 -15.51 -4.80
N ALA B 91 8.65 -15.63 -3.70
CA ALA B 91 7.20 -15.84 -3.77
C ALA B 91 6.47 -14.58 -4.22
N GLY B 92 7.09 -13.41 -4.06
CA GLY B 92 6.55 -12.20 -4.64
C GLY B 92 6.97 -10.94 -3.92
N ASN B 93 6.99 -10.97 -2.58
CA ASN B 93 7.27 -9.75 -1.84
C ASN B 93 8.72 -9.31 -2.02
N THR B 94 9.66 -10.24 -1.96
CA THR B 94 11.05 -9.87 -2.21
C THR B 94 11.24 -9.35 -3.63
N GLY B 95 10.56 -9.96 -4.60
CA GLY B 95 10.67 -9.46 -5.96
C GLY B 95 10.21 -8.01 -6.06
N ILE B 96 9.11 -7.68 -5.38
CA ILE B 96 8.60 -6.32 -5.43
C ILE B 96 9.59 -5.34 -4.80
N GLY B 97 10.11 -5.69 -3.61
CA GLY B 97 11.06 -4.80 -2.95
C GLY B 97 12.34 -4.64 -3.74
N LEU B 98 12.87 -5.75 -4.26
CA LEU B 98 14.11 -5.68 -5.03
C LEU B 98 13.93 -4.88 -6.31
N THR B 99 12.81 -5.06 -7.02
CA THR B 99 12.64 -4.37 -8.30
C THR B 99 12.42 -2.87 -8.09
N MET B 100 11.64 -2.50 -7.06
CA MET B 100 11.49 -1.09 -6.71
C MET B 100 12.86 -0.46 -6.43
N VAL B 101 13.64 -1.08 -5.55
CA VAL B 101 14.96 -0.53 -5.23
C VAL B 101 15.86 -0.51 -6.46
N ALA B 102 15.84 -1.59 -7.25
CA ALA B 102 16.73 -1.64 -8.40
C ALA B 102 16.43 -0.51 -9.39
N LYS B 103 15.14 -0.27 -9.67
CA LYS B 103 14.80 0.78 -10.63
C LYS B 103 15.18 2.16 -10.12
N ALA B 104 15.03 2.41 -8.81
CA ALA B 104 15.44 3.70 -8.28
C ALA B 104 16.95 3.92 -8.35
N LEU B 105 17.72 2.85 -8.42
CA LEU B 105 19.18 2.93 -8.37
C LEU B 105 19.88 2.62 -9.69
N GLY B 106 19.14 2.36 -10.77
CA GLY B 106 19.76 2.12 -12.06
C GLY B 106 20.06 0.67 -12.40
N TYR B 107 19.46 -0.30 -11.70
CA TYR B 107 19.71 -1.71 -11.94
C TYR B 107 18.45 -2.39 -12.48
N ARG B 108 18.58 -3.66 -12.81
CA ARG B 108 17.48 -4.49 -13.30
C ARG B 108 17.29 -5.70 -12.40
N THR B 109 16.16 -6.40 -12.57
CA THR B 109 15.93 -7.65 -11.86
C THR B 109 15.47 -8.74 -12.81
N ALA B 110 15.89 -9.97 -12.48
CA ALA B 110 15.38 -11.19 -13.10
C ALA B 110 14.79 -12.04 -11.98
N ILE B 111 13.49 -12.25 -12.01
CA ILE B 111 12.75 -12.83 -10.90
C ILE B 111 12.26 -14.22 -11.29
N VAL B 112 12.61 -15.21 -10.48
CA VAL B 112 12.11 -16.57 -10.62
C VAL B 112 10.99 -16.77 -9.60
N ILE B 113 9.81 -17.18 -10.08
CA ILE B 113 8.63 -17.25 -9.21
C ILE B 113 7.86 -18.53 -9.50
N PRO B 114 7.30 -19.19 -8.50
CA PRO B 114 6.41 -20.33 -8.78
C PRO B 114 5.16 -19.88 -9.52
N GLU B 115 4.77 -20.66 -10.53
CA GLU B 115 3.60 -20.33 -11.34
C GLU B 115 2.29 -20.45 -10.58
N THR B 116 2.32 -20.92 -9.34
CA THR B 116 1.12 -21.03 -8.52
C THR B 116 0.84 -19.78 -7.68
N GLN B 117 1.75 -18.81 -7.67
CA GLN B 117 1.50 -17.55 -6.96
C GLN B 117 0.39 -16.78 -7.66
N SER B 118 -0.25 -15.89 -6.90
CA SER B 118 -1.41 -15.16 -7.42
C SER B 118 -1.01 -14.23 -8.57
N GLN B 119 -1.97 -14.01 -9.49
CA GLN B 119 -1.71 -13.15 -10.64
C GLN B 119 -1.51 -11.70 -10.23
N GLU B 120 -2.21 -11.25 -9.18
CA GLU B 120 -1.94 -9.93 -8.63
C GLU B 120 -0.47 -9.79 -8.24
N LYS B 121 0.15 -10.88 -7.77
CA LYS B 121 1.58 -10.84 -7.48
C LYS B 121 2.40 -10.73 -8.75
N LYS B 122 2.01 -11.49 -9.80
CA LYS B 122 2.84 -11.59 -10.99
C LYS B 122 2.78 -10.32 -11.82
N ASP B 123 1.57 -9.87 -12.16
CA ASP B 123 1.44 -8.69 -12.99
C ASP B 123 2.04 -7.47 -12.29
N ALA B 124 1.90 -7.40 -10.97
CA ALA B 124 2.58 -6.35 -10.21
C ALA B 124 4.09 -6.38 -10.44
N LEU B 125 4.66 -7.58 -10.58
CA LEU B 125 6.10 -7.69 -10.80
C LEU B 125 6.49 -7.16 -12.17
N ARG B 126 5.85 -7.67 -13.24
CA ARG B 126 6.16 -7.18 -14.58
C ARG B 126 5.89 -5.69 -14.71
N LEU B 127 4.86 -5.20 -14.02
CA LEU B 127 4.55 -3.78 -14.01
C LEU B 127 5.74 -2.94 -13.57
N LEU B 128 6.36 -3.32 -12.44
CA LEU B 128 7.49 -2.55 -11.93
C LEU B 128 8.75 -2.69 -12.78
N GLY B 129 8.76 -3.58 -13.77
CA GLY B 129 9.90 -3.77 -14.64
C GLY B 129 10.73 -5.02 -14.42
N ALA B 130 10.29 -5.95 -13.58
CA ALA B 130 11.04 -7.18 -13.37
C ALA B 130 10.93 -8.08 -14.59
N GLU B 131 12.05 -8.73 -14.93
CA GLU B 131 12.07 -9.73 -15.99
C GLU B 131 11.70 -11.06 -15.35
N LEU B 132 10.49 -11.54 -15.63
CA LEU B 132 9.83 -12.56 -14.82
C LEU B 132 9.97 -13.94 -15.44
N ILE B 133 10.37 -14.92 -14.64
CA ILE B 133 10.52 -16.30 -15.08
C ILE B 133 9.70 -17.20 -14.16
N GLU B 134 8.63 -17.79 -14.70
CA GLU B 134 7.73 -18.66 -13.94
C GLU B 134 8.18 -20.11 -14.07
N VAL B 135 8.28 -20.81 -12.94
CA VAL B 135 8.67 -22.22 -12.93
C VAL B 135 7.65 -23.00 -12.12
N PRO B 136 7.52 -24.30 -12.38
CA PRO B 136 6.57 -25.12 -11.61
C PRO B 136 6.91 -25.11 -10.12
N ALA B 137 5.87 -25.26 -9.30
CA ALA B 137 6.10 -25.36 -7.87
C ALA B 137 6.77 -26.70 -7.57
N ALA B 138 7.62 -26.70 -6.54
CA ALA B 138 8.37 -27.91 -6.19
C ALA B 138 8.97 -27.73 -4.82
N PRO B 139 9.06 -28.79 -4.02
CA PRO B 139 9.69 -28.68 -2.70
C PRO B 139 11.19 -28.45 -2.84
N TYR B 140 11.79 -27.99 -1.73
CA TYR B 140 13.21 -27.61 -1.74
C TYR B 140 14.10 -28.79 -2.12
N ARG B 141 13.68 -30.02 -1.79
CA ARG B 141 14.44 -31.22 -2.15
C ARG B 141 14.73 -31.30 -3.65
N ASN B 142 13.86 -30.72 -4.47
CA ASN B 142 14.02 -30.75 -5.92
C ASN B 142 14.93 -29.61 -6.37
N PRO B 143 15.96 -29.89 -7.19
CA PRO B 143 16.84 -28.81 -7.66
C PRO B 143 16.14 -27.77 -8.53
N ASN B 144 14.93 -28.05 -8.99
CA ASN B 144 14.16 -27.10 -9.78
C ASN B 144 13.25 -26.23 -8.94
N ASN B 145 13.27 -26.38 -7.61
CA ASN B 145 12.65 -25.42 -6.72
C ASN B 145 13.14 -24.02 -7.05
N TYR B 146 12.22 -23.04 -6.99
CA TYR B 146 12.50 -21.70 -7.52
C TYR B 146 13.69 -21.06 -6.83
N VAL B 147 13.88 -21.31 -5.53
CA VAL B 147 15.02 -20.75 -4.81
C VAL B 147 16.34 -21.31 -5.37
N ARG B 148 16.47 -22.63 -5.37
CA ARG B 148 17.71 -23.24 -5.85
C ARG B 148 17.94 -22.92 -7.31
N LEU B 149 16.88 -22.94 -8.12
CA LEU B 149 17.05 -22.66 -9.54
C LEU B 149 17.50 -21.23 -9.78
N SER B 150 16.99 -20.28 -8.97
CA SER B 150 17.42 -18.89 -9.15
C SER B 150 18.92 -18.71 -8.95
N GLY B 151 19.52 -19.50 -8.05
CA GLY B 151 20.97 -19.43 -7.90
C GLY B 151 21.71 -19.84 -9.15
N ARG B 152 21.24 -20.90 -9.80
CA ARG B 152 21.87 -21.31 -11.05
C ARG B 152 21.64 -20.30 -12.16
N LEU B 153 20.52 -19.57 -12.13
CA LEU B 153 20.29 -18.53 -13.12
C LEU B 153 21.22 -17.34 -12.89
N ALA B 154 21.42 -16.96 -11.62
CA ALA B 154 22.42 -15.95 -11.31
C ALA B 154 23.79 -16.35 -11.85
N GLU B 155 24.19 -17.61 -11.62
CA GLU B 155 25.46 -18.09 -12.14
C GLU B 155 25.52 -18.01 -13.66
N GLN B 156 24.44 -18.41 -14.32
CA GLN B 156 24.40 -18.37 -15.79
C GLN B 156 24.47 -16.94 -16.31
N LEU B 157 23.71 -16.03 -15.72
CA LEU B 157 23.67 -14.65 -16.21
C LEU B 157 24.96 -13.90 -15.91
N ALA B 158 25.67 -14.25 -14.84
CA ALA B 158 26.93 -13.59 -14.54
C ALA B 158 27.96 -13.82 -15.65
N LYS B 159 27.79 -14.86 -16.45
CA LYS B 159 28.75 -15.11 -17.52
C LYS B 159 28.53 -14.22 -18.73
N THR B 160 27.37 -13.58 -18.85
CA THR B 160 27.08 -12.80 -20.06
C THR B 160 26.58 -11.39 -19.78
N GLU B 161 26.40 -10.99 -18.52
CA GLU B 161 25.92 -9.64 -18.24
C GLU B 161 27.10 -8.69 -18.13
N PRO B 162 27.20 -7.68 -19.00
CA PRO B 162 28.39 -6.82 -18.98
C PRO B 162 28.45 -5.88 -17.79
N ASN B 163 27.33 -5.64 -17.10
CA ASN B 163 27.34 -4.83 -15.90
C ASN B 163 27.14 -5.66 -14.64
N GLY B 164 27.25 -6.97 -14.74
CA GLY B 164 27.21 -7.82 -13.56
C GLY B 164 25.86 -8.46 -13.33
N ALA B 165 25.87 -9.60 -12.66
CA ALA B 165 24.65 -10.18 -12.13
C ALA B 165 24.96 -10.75 -10.75
N ILE B 166 24.10 -10.47 -9.79
CA ILE B 166 24.28 -10.99 -8.44
C ILE B 166 23.04 -11.79 -8.07
N TRP B 167 23.23 -12.76 -7.19
CA TRP B 167 22.13 -13.50 -6.59
C TRP B 167 21.76 -12.80 -5.27
N ALA B 168 20.52 -12.31 -5.19
CA ALA B 168 20.09 -11.69 -3.94
C ALA B 168 20.16 -12.69 -2.79
N ASN B 169 19.65 -13.91 -3.02
CA ASN B 169 19.84 -15.03 -2.09
C ASN B 169 19.26 -14.70 -0.72
N GLN B 170 18.01 -14.24 -0.69
CA GLN B 170 17.42 -13.71 0.54
C GLN B 170 17.51 -14.71 1.70
N PHE B 171 17.37 -16.00 1.42
CA PHE B 171 17.31 -16.97 2.51
C PHE B 171 18.65 -17.14 3.21
N ASP B 172 19.76 -17.03 2.47
CA ASP B 172 21.05 -17.32 3.08
C ASP B 172 22.03 -16.15 3.03
N ASN B 173 21.61 -14.98 2.56
CA ASN B 173 22.42 -13.76 2.58
C ASN B 173 22.21 -13.08 3.93
N THR B 174 23.24 -13.08 4.79
CA THR B 174 23.04 -12.56 6.14
C THR B 174 22.94 -11.04 6.21
N VAL B 175 23.05 -10.35 5.06
CA VAL B 175 22.78 -8.92 5.03
C VAL B 175 21.30 -8.67 5.30
N ASN B 176 20.46 -9.66 4.97
CA ASN B 176 19.05 -9.66 5.35
C ASN B 176 18.88 -9.44 6.85
N ARG B 177 19.45 -10.36 7.64
CA ARG B 177 19.48 -10.21 9.09
C ARG B 177 20.03 -8.85 9.52
N GLN B 178 21.11 -8.39 8.89
CA GLN B 178 21.73 -7.12 9.29
C GLN B 178 20.75 -5.95 9.20
N ALA B 179 19.86 -5.97 8.20
CA ALA B 179 18.87 -4.88 8.06
C ALA B 179 18.02 -4.75 9.32
N HIS B 180 17.56 -5.87 9.88
CA HIS B 180 16.73 -5.80 11.07
C HIS B 180 17.52 -5.54 12.34
N ILE B 181 18.82 -5.84 12.36
CA ILE B 181 19.64 -5.45 13.49
C ILE B 181 19.71 -3.93 13.59
N GLU B 182 19.97 -3.26 12.47
CA GLU B 182 20.24 -1.83 12.44
C GLU B 182 18.99 -0.97 12.26
N THR B 183 17.91 -1.48 11.68
CA THR B 183 16.71 -0.69 11.50
C THR B 183 15.57 -1.20 12.39
N THR B 184 14.98 -2.36 12.05
CA THR B 184 13.80 -2.83 12.77
C THR B 184 13.99 -2.81 14.29
N ALA B 185 15.10 -3.39 14.76
CA ALA B 185 15.30 -3.54 16.21
C ALA B 185 15.43 -2.18 16.90
N GLN B 186 16.13 -1.23 16.29
CA GLN B 186 16.30 0.07 16.92
C GLN B 186 15.01 0.89 16.89
N GLU B 187 14.20 0.71 15.86
CA GLU B 187 12.91 1.40 15.81
C GLU B 187 12.01 0.92 16.94
N ILE B 188 12.01 -0.39 17.20
CA ILE B 188 11.13 -0.95 18.23
C ILE B 188 11.58 -0.46 19.60
N TRP B 189 12.89 -0.43 19.83
CA TRP B 189 13.46 0.08 21.08
C TRP B 189 13.06 1.53 21.29
N ARG B 190 13.31 2.37 20.28
CA ARG B 190 12.97 3.78 20.38
C ARG B 190 11.47 3.98 20.61
N ASP B 191 10.63 3.27 19.84
CA ASP B 191 9.20 3.54 19.83
C ASP B 191 8.48 3.02 21.07
N THR B 192 9.04 2.04 21.78
CA THR B 192 8.49 1.61 23.08
C THR B 192 9.15 2.34 24.25
N ASN B 193 10.02 3.32 23.98
CA ASN B 193 10.69 4.09 25.02
C ASN B 193 11.40 3.18 26.02
N ASP B 194 12.05 2.14 25.49
CA ASP B 194 12.90 1.22 26.24
C ASP B 194 12.10 0.23 27.10
N GLN B 195 10.79 0.09 26.87
CA GLN B 195 9.93 -0.69 27.75
C GLN B 195 9.52 -2.05 27.21
N ILE B 196 9.91 -2.42 25.99
CA ILE B 196 9.49 -3.71 25.43
C ILE B 196 10.02 -4.86 26.28
N ASP B 197 9.14 -5.82 26.57
CA ASP B 197 9.50 -7.02 27.31
C ASP B 197 9.63 -8.26 26.43
N GLY B 198 9.00 -8.27 25.25
CA GLY B 198 8.95 -9.45 24.42
C GLY B 198 8.69 -9.16 22.95
N PHE B 199 9.35 -9.93 22.09
CA PHE B 199 9.19 -9.82 20.64
C PHE B 199 8.98 -11.21 20.04
N VAL B 200 8.08 -11.29 19.06
CA VAL B 200 7.75 -12.57 18.44
C VAL B 200 7.50 -12.35 16.96
N ALA B 201 7.94 -13.31 16.14
CA ALA B 201 7.67 -13.29 14.70
C ALA B 201 7.79 -14.70 14.15
N ALA B 202 7.17 -14.91 12.98
CA ALA B 202 7.33 -16.12 12.19
C ALA B 202 8.57 -16.02 11.30
N VAL B 203 8.96 -17.15 10.71
CA VAL B 203 10.22 -17.22 9.98
C VAL B 203 9.96 -17.64 8.53
N GLY B 204 10.47 -16.84 7.59
CA GLY B 204 10.61 -17.24 6.21
C GLY B 204 12.09 -17.44 5.95
N SER B 205 12.82 -16.34 5.76
CA SER B 205 14.28 -16.38 5.73
C SER B 205 14.86 -16.42 7.13
N GLY B 206 14.15 -15.87 8.10
CA GLY B 206 14.65 -15.72 9.45
C GLY B 206 15.31 -14.38 9.72
N GLY B 207 15.47 -13.54 8.71
CA GLY B 207 16.10 -12.25 8.93
C GLY B 207 15.34 -11.39 9.92
N THR B 208 14.01 -11.34 9.79
CA THR B 208 13.22 -10.53 10.70
C THR B 208 13.38 -11.00 12.15
N LEU B 209 13.19 -12.30 12.39
CA LEU B 209 13.24 -12.80 13.77
C LEU B 209 14.66 -12.79 14.32
N ALA B 210 15.62 -13.33 13.56
CA ALA B 210 16.97 -13.45 14.12
C ALA B 210 17.63 -12.08 14.27
N GLY B 211 17.43 -11.19 13.30
CA GLY B 211 18.09 -9.90 13.36
C GLY B 211 17.47 -8.95 14.36
N THR B 212 16.13 -8.92 14.44
CA THR B 212 15.48 -8.13 15.48
C THR B 212 15.91 -8.61 16.86
N ALA B 213 16.06 -9.93 17.02
CA ALA B 213 16.43 -10.48 18.32
C ALA B 213 17.81 -10.01 18.75
N ILE B 214 18.77 -10.04 17.81
CA ILE B 214 20.13 -9.57 18.12
C ILE B 214 20.10 -8.11 18.54
N GLY B 215 19.43 -7.27 17.75
CA GLY B 215 19.39 -5.86 18.08
C GLY B 215 18.74 -5.58 19.41
N LEU B 216 17.61 -6.22 19.69
CA LEU B 216 16.91 -5.98 20.95
C LEU B 216 17.75 -6.46 22.13
N LYS B 217 18.31 -7.67 22.05
CA LYS B 217 19.02 -8.21 23.19
C LYS B 217 20.31 -7.45 23.48
N GLU B 218 20.90 -6.79 22.48
CA GLU B 218 22.03 -5.90 22.72
C GLU B 218 21.60 -4.68 23.53
N ARG B 219 20.34 -4.26 23.38
CA ARG B 219 19.81 -3.15 24.17
C ARG B 219 19.41 -3.59 25.57
N ASN B 220 18.65 -4.68 25.67
CA ASN B 220 18.24 -5.22 26.96
C ASN B 220 18.34 -6.74 26.89
N HIS B 221 19.23 -7.30 27.70
CA HIS B 221 19.44 -8.75 27.71
C HIS B 221 18.19 -9.50 28.16
N ASN B 222 17.37 -8.88 29.00
CA ASN B 222 16.21 -9.59 29.56
C ASN B 222 14.99 -9.59 28.64
N ILE B 223 15.07 -9.05 27.43
CA ILE B 223 13.95 -9.14 26.50
C ILE B 223 13.81 -10.59 26.06
N LYS B 224 12.56 -11.09 26.04
CA LYS B 224 12.28 -12.46 25.63
C LYS B 224 11.85 -12.50 24.17
N ILE B 225 12.35 -13.48 23.43
CA ILE B 225 12.13 -13.61 22.00
C ILE B 225 11.39 -14.92 21.76
N ALA B 226 10.32 -14.87 20.95
CA ALA B 226 9.55 -16.07 20.65
C ALA B 226 9.47 -16.31 19.14
N LEU B 227 9.43 -17.59 18.77
CA LEU B 227 9.11 -18.00 17.41
C LEU B 227 7.63 -18.41 17.32
N ALA B 228 6.94 -17.94 16.27
CA ALA B 228 5.58 -18.37 15.97
C ALA B 228 5.62 -19.16 14.66
N ASP B 229 5.43 -20.49 14.75
CA ASP B 229 5.67 -21.39 13.61
C ASP B 229 4.35 -21.97 13.11
N PRO B 230 4.08 -21.93 11.81
CA PRO B 230 2.85 -22.54 11.28
C PRO B 230 3.02 -24.05 11.10
N HIS B 231 1.88 -24.72 10.91
CA HIS B 231 1.92 -26.12 10.52
C HIS B 231 2.64 -26.26 9.19
N GLY B 232 3.34 -27.38 9.01
CA GLY B 232 4.14 -27.60 7.84
C GLY B 232 5.56 -27.07 7.91
N ALA B 233 5.88 -26.25 8.92
CA ALA B 233 7.24 -25.81 9.15
C ALA B 233 7.95 -26.77 10.11
N ALA B 234 9.29 -26.78 10.03
CA ALA B 234 10.11 -27.69 10.83
C ALA B 234 10.74 -27.05 12.07
N LEU B 235 10.60 -25.74 12.24
CA LEU B 235 11.45 -25.01 13.20
C LEU B 235 11.03 -25.23 14.65
N HIS B 236 9.73 -25.21 14.94
CA HIS B 236 9.30 -25.43 16.31
C HIS B 236 9.80 -26.78 16.83
N ALA B 237 9.65 -27.81 16.02
CA ALA B 237 10.16 -29.13 16.42
C ALA B 237 11.67 -29.09 16.62
N PHE B 238 12.39 -28.35 15.78
CA PHE B 238 13.85 -28.34 15.90
C PHE B 238 14.30 -27.68 17.20
N TYR B 239 13.73 -26.52 17.52
CA TYR B 239 14.16 -25.82 18.73
C TYR B 239 13.71 -26.53 20.00
N THR B 240 12.63 -27.31 19.93
CA THR B 240 12.09 -27.98 21.11
C THR B 240 12.54 -29.43 21.25
N THR B 241 12.84 -30.12 20.16
CA THR B 241 13.29 -31.51 20.24
C THR B 241 14.62 -31.78 19.55
N GLY B 242 15.11 -30.89 18.71
CA GLY B 242 16.36 -31.11 18.02
C GLY B 242 16.24 -31.76 16.65
N GLU B 243 15.04 -32.05 16.19
CA GLU B 243 14.81 -32.71 14.90
C GLU B 243 13.96 -31.81 14.01
N LEU B 244 14.41 -31.61 12.78
CA LEU B 244 13.70 -30.81 11.78
C LEU B 244 12.53 -31.63 11.23
N LYS B 245 11.50 -31.76 12.06
CA LYS B 245 10.31 -32.53 11.72
C LYS B 245 9.16 -31.58 11.44
N ALA B 246 8.54 -31.74 10.26
CA ALA B 246 7.34 -30.99 9.90
C ALA B 246 6.14 -31.92 9.86
N GLU B 247 4.97 -31.35 10.05
CA GLU B 247 3.72 -32.13 10.00
C GLU B 247 2.60 -31.19 9.59
N GLY B 248 1.69 -31.69 8.75
CA GLY B 248 0.57 -30.90 8.29
C GLY B 248 0.97 -29.86 7.25
N ASP B 249 0.07 -28.89 7.05
CA ASP B 249 0.29 -27.83 6.09
C ASP B 249 -0.42 -26.56 6.58
N SER B 250 -0.14 -25.45 5.91
CA SER B 250 -0.71 -24.16 6.28
C SER B 250 -0.95 -23.36 5.02
N ILE B 251 -2.13 -22.72 4.95
CA ILE B 251 -2.45 -21.86 3.81
C ILE B 251 -1.77 -20.49 3.91
N THR B 252 -1.03 -20.23 4.98
CA THR B 252 -0.28 -18.99 5.11
C THR B 252 0.92 -19.00 4.16
N GLU B 253 1.29 -17.82 3.68
CA GLU B 253 2.39 -17.67 2.71
C GLU B 253 3.41 -16.64 3.19
N GLY B 254 4.63 -16.78 2.69
CA GLY B 254 5.74 -15.98 3.14
C GLY B 254 6.49 -16.55 4.33
N ILE B 255 5.95 -17.58 4.99
CA ILE B 255 6.54 -18.20 6.16
C ILE B 255 6.43 -19.71 6.04
N GLY B 256 7.20 -20.42 6.86
CA GLY B 256 7.19 -21.88 6.84
C GLY B 256 8.49 -22.43 6.30
N GLN B 257 9.47 -22.62 7.18
CA GLN B 257 10.82 -22.95 6.78
C GLN B 257 11.16 -24.36 7.23
N GLY B 258 11.88 -25.09 6.38
CA GLY B 258 12.22 -26.47 6.64
C GLY B 258 13.68 -26.73 6.99
N ARG B 259 14.51 -25.69 6.96
CA ARG B 259 15.93 -25.84 7.29
C ARG B 259 16.39 -24.63 8.07
N ILE B 260 17.54 -24.77 8.73
CA ILE B 260 18.19 -23.64 9.40
C ILE B 260 18.96 -22.86 8.35
N THR B 261 18.35 -21.81 7.79
CA THR B 261 19.03 -20.93 6.83
C THR B 261 20.23 -20.25 7.48
N ALA B 262 21.06 -19.61 6.65
CA ALA B 262 22.20 -18.87 7.20
C ALA B 262 21.74 -17.71 8.08
N ASN B 263 20.58 -17.12 7.79
CA ASN B 263 20.11 -16.03 8.63
C ASN B 263 19.71 -16.50 10.02
N LEU B 264 19.41 -17.79 10.18
CA LEU B 264 19.03 -18.35 11.47
C LEU B 264 20.21 -18.90 12.25
N GLU B 265 21.41 -18.85 11.68
CA GLU B 265 22.58 -19.43 12.34
C GLU B 265 22.83 -18.74 13.68
N GLY B 266 23.05 -19.54 14.71
CA GLY B 266 23.28 -19.03 16.04
C GLY B 266 22.05 -18.58 16.79
N PHE B 267 20.87 -18.64 16.18
CA PHE B 267 19.65 -18.16 16.82
C PHE B 267 19.02 -19.24 17.70
N THR B 268 18.60 -18.84 18.89
CA THR B 268 17.83 -19.71 19.77
C THR B 268 16.73 -18.89 20.42
N PRO B 269 15.46 -19.28 20.27
CA PRO B 269 14.38 -18.50 20.87
C PRO B 269 14.16 -18.90 22.32
N ASP B 270 13.62 -17.94 23.09
CA ASP B 270 13.26 -18.22 24.48
C ASP B 270 11.96 -19.00 24.59
N PHE B 271 11.02 -18.77 23.68
CA PHE B 271 9.76 -19.50 23.63
C PHE B 271 9.49 -19.89 22.18
N SER B 272 8.73 -20.96 21.99
CA SER B 272 8.36 -21.40 20.65
C SER B 272 6.94 -21.93 20.68
N TYR B 273 6.15 -21.55 19.67
CA TYR B 273 4.73 -21.90 19.57
C TYR B 273 4.43 -22.44 18.18
N GLN B 274 3.68 -23.53 18.11
CA GLN B 274 3.15 -24.03 16.85
C GLN B 274 1.69 -23.59 16.75
N ILE B 275 1.38 -22.74 15.76
CA ILE B 275 0.08 -22.09 15.65
C ILE B 275 -0.71 -22.77 14.53
N PRO B 276 -1.86 -23.36 14.82
CA PRO B 276 -2.70 -23.89 13.73
C PRO B 276 -3.39 -22.78 12.95
N ASP B 277 -3.75 -23.09 11.70
CA ASP B 277 -4.33 -22.09 10.81
C ASP B 277 -5.62 -21.51 11.38
N ALA B 278 -6.45 -22.33 12.02
CA ALA B 278 -7.72 -21.83 12.54
C ALA B 278 -7.53 -20.72 13.57
N GLU B 279 -6.51 -20.86 14.42
CA GLU B 279 -6.21 -19.83 15.41
C GLU B 279 -5.76 -18.52 14.76
N ALA B 280 -4.92 -18.61 13.72
CA ALA B 280 -4.52 -17.39 13.03
C ALA B 280 -5.70 -16.78 12.25
N LEU B 281 -6.54 -17.62 11.62
CA LEU B 281 -7.63 -17.08 10.81
C LEU B 281 -8.69 -16.40 11.68
N ASP B 282 -9.00 -16.97 12.85
CA ASP B 282 -9.95 -16.31 13.75
C ASP B 282 -9.48 -14.91 14.09
N ILE B 283 -8.19 -14.75 14.36
CA ILE B 283 -7.63 -13.45 14.68
C ILE B 283 -7.70 -12.51 13.47
N LEU B 284 -7.27 -12.98 12.31
CA LEU B 284 -7.28 -12.13 11.12
C LEU B 284 -8.68 -11.65 10.81
N PHE B 285 -9.67 -12.54 10.86
CA PHE B 285 -11.02 -12.16 10.44
C PHE B 285 -11.63 -11.16 11.42
N ALA B 286 -11.39 -11.36 12.73
CA ALA B 286 -11.86 -10.39 13.70
C ALA B 286 -11.13 -9.06 13.58
N LEU B 287 -9.85 -9.09 13.18
CA LEU B 287 -9.08 -7.85 13.05
C LEU B 287 -9.68 -6.94 11.97
N VAL B 288 -10.12 -7.52 10.85
CA VAL B 288 -10.82 -6.72 9.84
C VAL B 288 -12.05 -6.06 10.44
N GLU B 289 -12.94 -6.87 11.04
CA GLU B 289 -14.23 -6.35 11.48
C GLU B 289 -14.11 -5.43 12.68
N GLU B 290 -13.13 -5.65 13.54
CA GLU B 290 -13.06 -4.92 14.80
C GLU B 290 -12.08 -3.76 14.76
N GLU B 291 -11.02 -3.86 13.95
CA GLU B 291 -9.95 -2.89 14.03
C GLU B 291 -9.59 -2.29 12.68
N GLY B 292 -10.30 -2.66 11.61
CA GLY B 292 -10.10 -2.02 10.32
C GLY B 292 -8.80 -2.39 9.65
N LEU B 293 -8.17 -3.50 10.03
CA LEU B 293 -6.91 -3.96 9.47
C LEU B 293 -7.11 -5.27 8.73
N CYS B 294 -6.80 -5.29 7.44
CA CYS B 294 -6.90 -6.49 6.61
C CYS B 294 -5.48 -6.93 6.23
N LEU B 295 -5.01 -8.01 6.85
CA LEU B 295 -3.60 -8.36 6.84
C LEU B 295 -3.38 -9.77 6.28
N GLY B 296 -2.12 -10.04 5.89
CA GLY B 296 -1.77 -11.33 5.33
C GLY B 296 -1.76 -12.45 6.36
N GLY B 297 -1.56 -13.67 5.85
CA GLY B 297 -1.61 -14.85 6.71
C GLY B 297 -0.55 -14.85 7.79
N SER B 298 0.64 -14.36 7.47
CA SER B 298 1.71 -14.38 8.47
C SER B 298 1.41 -13.43 9.62
N SER B 299 0.69 -12.35 9.36
CA SER B 299 0.29 -11.45 10.44
C SER B 299 -0.64 -12.14 11.42
N GLY B 300 -1.50 -13.03 10.92
CA GLY B 300 -2.35 -13.80 11.83
C GLY B 300 -1.53 -14.75 12.71
N ILE B 301 -0.55 -15.42 12.10
CA ILE B 301 0.38 -16.26 12.86
C ILE B 301 1.12 -15.42 13.90
N ASN B 302 1.55 -14.22 13.50
CA ASN B 302 2.36 -13.39 14.40
C ASN B 302 1.54 -12.89 15.58
N ILE B 303 0.30 -12.46 15.34
CA ILE B 303 -0.49 -11.95 16.45
C ILE B 303 -0.86 -13.06 17.42
N ALA B 304 -1.17 -14.25 16.91
CA ALA B 304 -1.43 -15.36 17.80
C ALA B 304 -0.20 -15.67 18.65
N GLY B 305 0.98 -15.56 18.06
CA GLY B 305 2.21 -15.77 18.83
C GLY B 305 2.40 -14.69 19.88
N ALA B 306 2.01 -13.44 19.56
CA ALA B 306 2.10 -12.35 20.52
C ALA B 306 1.16 -12.55 21.71
N ILE B 307 -0.05 -13.06 21.46
CA ILE B 307 -0.96 -13.36 22.56
C ILE B 307 -0.40 -14.49 23.42
N ARG B 308 0.23 -15.49 22.79
CA ARG B 308 0.79 -16.59 23.56
C ARG B 308 1.99 -16.13 24.39
N LEU B 309 2.81 -15.23 23.84
CA LEU B 309 3.94 -14.72 24.62
C LEU B 309 3.45 -13.86 25.79
N ALA B 310 2.46 -13.00 25.54
CA ALA B 310 1.87 -12.21 26.63
C ALA B 310 1.29 -13.10 27.72
N LYS B 311 0.74 -14.26 27.36
CA LYS B 311 0.25 -15.17 28.39
C LYS B 311 1.39 -15.81 29.15
N ASP B 312 2.51 -16.12 28.47
CA ASP B 312 3.68 -16.66 29.18
C ASP B 312 4.34 -15.60 30.06
N LEU B 313 4.35 -14.33 29.65
CA LEU B 313 4.98 -13.32 30.49
C LEU B 313 4.06 -12.81 31.59
N GLY B 314 2.77 -12.74 31.33
CA GLY B 314 1.81 -12.33 32.34
C GLY B 314 1.39 -10.89 32.11
N PRO B 315 0.28 -10.48 32.74
CA PRO B 315 -0.22 -9.12 32.52
C PRO B 315 0.82 -8.06 32.90
N GLY B 316 0.70 -6.90 32.27
CA GLY B 316 1.51 -5.75 32.61
C GLY B 316 2.76 -5.57 31.78
N HIS B 317 2.93 -6.31 30.69
CA HIS B 317 4.13 -6.26 29.89
C HIS B 317 3.82 -5.67 28.51
N THR B 318 4.89 -5.37 27.76
CA THR B 318 4.78 -4.86 26.40
C THR B 318 5.33 -5.89 25.44
N ILE B 319 4.52 -6.27 24.44
CA ILE B 319 4.86 -7.28 23.44
CA ILE B 319 4.88 -7.27 23.45
C ILE B 319 4.72 -6.64 22.07
N VAL B 320 5.72 -6.85 21.21
CA VAL B 320 5.73 -6.30 19.86
C VAL B 320 5.85 -7.46 18.87
N THR B 321 5.09 -7.38 17.76
CA THR B 321 5.21 -8.34 16.67
C THR B 321 5.20 -7.56 15.34
N VAL B 322 5.10 -8.28 14.21
CA VAL B 322 5.23 -7.70 12.88
C VAL B 322 3.94 -7.92 12.09
N LEU B 323 3.44 -6.86 11.46
CA LEU B 323 2.32 -6.94 10.51
C LEU B 323 2.93 -6.84 9.12
N CYS B 324 3.20 -8.01 8.50
CA CYS B 324 4.18 -8.10 7.41
C CYS B 324 3.68 -7.57 6.07
N ASP B 325 2.40 -7.77 5.73
CA ASP B 325 1.84 -7.26 4.48
C ASP B 325 0.32 -7.27 4.57
N TYR B 326 -0.33 -6.82 3.49
CA TYR B 326 -1.78 -6.71 3.43
C TYR B 326 -2.41 -8.04 3.05
N GLY B 327 -3.69 -8.19 3.41
CA GLY B 327 -4.40 -9.40 3.04
C GLY B 327 -4.81 -9.49 1.56
N ASN B 328 -4.76 -8.38 0.81
CA ASN B 328 -5.41 -8.31 -0.50
C ASN B 328 -4.86 -9.36 -1.47
N ARG B 329 -3.53 -9.50 -1.55
CA ARG B 329 -2.98 -10.41 -2.55
C ARG B 329 -3.28 -11.87 -2.24
N TYR B 330 -3.88 -12.17 -1.09
CA TYR B 330 -4.27 -13.54 -0.75
C TYR B 330 -5.79 -13.73 -0.76
N GLN B 331 -6.54 -12.83 -1.42
CA GLN B 331 -7.99 -12.91 -1.38
C GLN B 331 -8.52 -14.18 -2.01
N SER B 332 -7.79 -14.73 -2.99
CA SER B 332 -8.26 -15.92 -3.70
C SER B 332 -8.20 -17.19 -2.85
N LYS B 333 -7.65 -17.15 -1.64
CA LYS B 333 -7.57 -18.34 -0.80
C LYS B 333 -7.84 -17.99 0.66
N LEU B 334 -7.08 -17.02 1.17
CA LEU B 334 -7.14 -16.67 2.59
C LEU B 334 -8.48 -16.04 2.97
N PHE B 335 -9.12 -15.35 2.04
CA PHE B 335 -10.43 -14.75 2.27
C PHE B 335 -11.47 -15.29 1.30
N ASN B 336 -11.34 -16.56 0.94
CA ASN B 336 -12.23 -17.21 -0.01
C ASN B 336 -13.09 -18.24 0.71
N PRO B 337 -14.37 -17.94 1.01
CA PRO B 337 -15.17 -18.90 1.79
C PRO B 337 -15.23 -20.30 1.19
N ALA B 338 -15.40 -20.41 -0.13
CA ALA B 338 -15.48 -21.73 -0.76
C ALA B 338 -14.21 -22.53 -0.52
N PHE B 339 -13.05 -21.88 -0.63
CA PHE B 339 -11.79 -22.58 -0.41
C PHE B 339 -11.59 -22.92 1.06
N LEU B 340 -11.92 -21.98 1.96
CA LEU B 340 -11.74 -22.23 3.38
C LEU B 340 -12.62 -23.37 3.86
N ARG B 341 -13.87 -23.41 3.41
CA ARG B 341 -14.78 -24.49 3.85
C ARG B 341 -14.27 -25.85 3.41
N GLY B 342 -13.74 -25.95 2.20
CA GLY B 342 -13.22 -27.22 1.72
C GLY B 342 -12.07 -27.77 2.54
N LYS B 343 -11.36 -26.90 3.25
CA LYS B 343 -10.29 -27.32 4.14
C LYS B 343 -10.72 -27.29 5.61
N SER B 344 -12.02 -27.18 5.88
CA SER B 344 -12.57 -27.23 7.24
C SER B 344 -11.96 -26.13 8.11
N LEU B 345 -11.81 -24.94 7.54
CA LEU B 345 -11.25 -23.75 8.17
C LEU B 345 -12.33 -22.69 8.38
N PRO B 346 -12.19 -21.82 9.38
CA PRO B 346 -13.20 -20.78 9.60
C PRO B 346 -13.30 -19.85 8.41
N VAL B 347 -14.47 -19.24 8.26
CA VAL B 347 -14.83 -18.39 7.11
C VAL B 347 -15.13 -16.99 7.62
N PRO B 348 -14.70 -15.93 6.93
CA PRO B 348 -15.14 -14.58 7.34
C PRO B 348 -16.66 -14.49 7.24
N ARG B 349 -17.29 -14.22 8.38
CA ARG B 349 -18.75 -14.25 8.44
C ARG B 349 -19.39 -13.27 7.47
N TRP B 350 -18.72 -12.15 7.18
CA TRP B 350 -19.34 -11.13 6.35
C TRP B 350 -19.31 -11.47 4.86
N LEU B 351 -18.59 -12.51 4.46
CA LEU B 351 -18.48 -12.87 3.05
C LEU B 351 -19.49 -13.93 2.63
N GLU B 352 -20.44 -14.27 3.50
CA GLU B 352 -21.45 -15.27 3.15
C GLU B 352 -22.86 -14.82 3.54
N GLU B 356 -28.17 -7.86 -0.55
CA GLU B 356 -29.60 -8.02 -0.32
C GLU B 356 -30.26 -6.68 0.04
N ILE B 357 -30.33 -5.77 -0.94
CA ILE B 357 -30.87 -4.43 -0.73
C ILE B 357 -31.56 -3.97 -2.01
N ASP B 358 -32.81 -3.54 -1.90
CA ASP B 358 -33.54 -3.03 -3.05
C ASP B 358 -32.96 -1.68 -3.47
N ILE B 359 -32.45 -1.60 -4.69
CA ILE B 359 -31.70 -0.43 -5.16
C ILE B 359 -32.67 0.61 -5.71
N PRO B 360 -32.58 1.83 -5.30
CA PRO B 360 -33.55 2.86 -5.73
C PRO B 360 -33.23 3.47 -7.09
N PHE B 361 -33.17 2.61 -8.11
CA PHE B 361 -33.10 3.11 -9.48
C PHE B 361 -34.35 3.91 -9.81
N GLU B 362 -34.19 4.93 -10.63
CA GLU B 362 -35.32 5.68 -11.18
C GLU B 362 -35.58 5.24 -12.61
N GLY B 363 -36.85 5.14 -12.97
CA GLY B 363 -37.24 4.60 -14.26
C GLY B 363 -37.31 3.08 -14.20
C1 MLI C . -13.77 9.17 -6.08
C2 MLI C . -13.75 7.93 -5.20
C3 MLI C . -14.77 8.95 -7.20
O6 MLI C . -12.80 7.12 -5.29
O7 MLI C . -14.69 7.70 -4.39
O8 MLI C . -15.87 8.36 -6.97
O9 MLI C . -14.49 9.34 -8.36
C1 MLI D . -6.28 32.56 -14.16
C2 MLI D . -7.00 33.86 -13.82
C3 MLI D . -7.29 31.44 -14.40
O6 MLI D . -8.06 33.84 -13.14
O7 MLI D . -6.54 34.96 -14.22
O8 MLI D . -8.11 31.10 -13.49
O9 MLI D . -7.31 30.86 -15.52
C1 MLI E . 9.67 -14.93 0.44
C2 MLI E . 9.61 -13.83 -0.61
C3 MLI E . 9.44 -16.30 -0.21
O6 MLI E . 10.45 -13.82 -1.54
O7 MLI E . 8.73 -12.93 -0.56
O8 MLI E . 8.94 -17.24 0.47
O9 MLI E . 9.75 -16.49 -1.42
#